data_3BMQ
#
_entry.id   3BMQ
#
_cell.length_a   74.723
_cell.length_b   91.162
_cell.length_c   82.832
_cell.angle_alpha   90.00
_cell.angle_beta   115.72
_cell.angle_gamma   90.00
#
_symmetry.space_group_name_H-M   'P 1 21 1'
#
loop_
_entity.id
_entity.type
_entity.pdbx_description
1 polymer 'Pteridine reductase'
2 polymer 'Pteridine reductase'
3 non-polymer 'NADP NICOTINAMIDE-ADENINE-DINUCLEOTIDE PHOSPHATE'
4 non-polymer 6-(benzylsulfanyl)pyrimidine-2,4-diamine
5 non-polymer 2,3-DIHYDROXY-1,4-DITHIOBUTANE
6 non-polymer 'ACETATE ION'
7 non-polymer GLYCEROL
8 water water
#
loop_
_entity_poly.entity_id
_entity_poly.type
_entity_poly.pdbx_seq_one_letter_code
_entity_poly.pdbx_strand_id
1 'polypeptide(L)'
;MGSSHHHHHHSSGLVPRGSHMEAPAAVVTGAAKRIGRAIAVKLHQTGYRVVIHYHNSAEAAVSLADELNKERSNTAVVCQ
ADLTNSNVLPASCEEIINSCFRAFGRCDVLVNNASAFYPTPLVQGDHEDNSNGKTVETQVAELIGTNAIAPFLLTMSFAQ
RQKGTNPNCTSSNLSIVNLCDAMVDQP(CSX)MAFSLYNMGKHALVGLTQSAALELAPYGIRVNGVAPGVSLLPVAMGEE
EKDKWRRKVPLGRREASAEQIADAVIFLVSGSAQYITGSIIKVDGGLSLVHA
;
A,D
2 'polypeptide(L)'
;MGSSHHHHHHSSGLVPRGSHMEAPAAVVTGAAKRIGRAIAVKLHQTGYRVVIHYHNSAEAAVSLADELNKERSNTAVVCQ
ADLTNSNVLPASCEEIINSCFRAFGRCDVLVNNASAFYPTPLVQGDHEDNSNGKTVETQVAELIGTNAIAPFLLTMSFAQ
RQKGTNPNCTSSNLSIVNLCDAMVDQPCMAFSLYNMGKHALVGLTQSAALELAPYGIRVNGVAPGVSLLPVAMGEEEKDK
WRRKVPLGRREASAEQIADAVIFLVSGSAQYITGSIIKVDGGLSLVHA
;
B,C
#
loop_
_chem_comp.id
_chem_comp.type
_chem_comp.name
_chem_comp.formula
ACT non-polymer 'ACETATE ION' 'C2 H3 O2 -1'
AX5 non-polymer 6-(benzylsulfanyl)pyrimidine-2,4-diamine 'C11 H12 N4 S'
DTT non-polymer 2,3-DIHYDROXY-1,4-DITHIOBUTANE 'C4 H10 O2 S2'
GOL non-polymer GLYCEROL 'C3 H8 O3'
NAP non-polymer 'NADP NICOTINAMIDE-ADENINE-DINUCLEOTIDE PHOSPHATE' 'C21 H28 N7 O17 P3'
#
# COMPACT_ATOMS: atom_id res chain seq x y z
N GLU A 22 28.13 -26.50 14.24
CA GLU A 22 28.98 -25.55 13.44
C GLU A 22 28.24 -24.21 13.34
N ALA A 23 28.99 -23.11 13.41
CA ALA A 23 28.42 -21.75 13.40
C ALA A 23 27.93 -21.39 11.99
N PRO A 24 26.76 -20.73 11.90
CA PRO A 24 26.27 -20.31 10.59
C PRO A 24 27.13 -19.16 10.09
N ALA A 25 26.96 -18.82 8.82
CA ALA A 25 27.79 -17.79 8.21
C ALA A 25 26.93 -16.81 7.43
N ALA A 26 27.32 -15.53 7.44
CA ALA A 26 26.54 -14.46 6.86
C ALA A 26 27.44 -13.56 5.99
N VAL A 27 26.90 -13.12 4.85
CA VAL A 27 27.47 -12.05 4.07
C VAL A 27 26.69 -10.76 4.34
N VAL A 28 27.42 -9.68 4.60
CA VAL A 28 26.77 -8.36 4.75
C VAL A 28 27.46 -7.40 3.77
N THR A 29 26.72 -6.84 2.84
CA THR A 29 27.35 -5.91 1.90
C THR A 29 27.49 -4.51 2.48
N GLY A 30 28.55 -3.85 2.09
CA GLY A 30 28.83 -2.51 2.61
C GLY A 30 28.94 -2.47 4.12
N ALA A 31 29.68 -3.40 4.71
CA ALA A 31 29.69 -3.62 6.16
C ALA A 31 30.83 -2.96 6.93
N ALA A 32 31.59 -2.12 6.25
CA ALA A 32 32.78 -1.52 6.88
C ALA A 32 32.43 -0.56 7.99
N LYS A 33 31.29 0.14 7.83
CA LYS A 33 30.91 1.17 8.79
CA LYS A 33 30.92 1.30 8.63
C LYS A 33 29.41 1.31 8.84
N ARG A 34 28.97 2.21 9.73
CA ARG A 34 27.60 2.61 9.78
C ARG A 34 26.66 1.40 9.93
N ILE A 35 25.54 1.39 9.20
CA ILE A 35 24.50 0.37 9.45
C ILE A 35 25.04 -1.07 9.15
N GLY A 36 25.78 -1.18 8.06
CA GLY A 36 26.36 -2.45 7.65
C GLY A 36 27.25 -3.04 8.73
N ARG A 37 28.09 -2.20 9.33
CA ARG A 37 28.95 -2.68 10.44
C ARG A 37 28.11 -3.12 11.60
N ALA A 38 27.11 -2.29 11.97
CA ALA A 38 26.28 -2.64 13.10
C ALA A 38 25.62 -4.03 12.88
N ILE A 39 25.11 -4.26 11.68
CA ILE A 39 24.57 -5.56 11.33
C ILE A 39 25.59 -6.71 11.43
N ALA A 40 26.78 -6.55 10.83
CA ALA A 40 27.85 -7.50 10.95
C ALA A 40 28.19 -7.82 12.42
N VAL A 41 28.33 -6.75 13.22
CA VAL A 41 28.64 -6.92 14.65
C VAL A 41 27.58 -7.70 15.40
N LYS A 42 26.32 -7.33 15.21
CA LYS A 42 25.24 -8.02 15.88
C LYS A 42 25.10 -9.49 15.39
N LEU A 43 25.32 -9.74 14.09
CA LEU A 43 25.28 -11.11 13.64
C LEU A 43 26.44 -11.90 14.30
N HIS A 44 27.60 -11.25 14.38
CA HIS A 44 28.76 -11.88 15.01
C HIS A 44 28.51 -12.21 16.48
N GLN A 45 27.88 -11.27 17.17
CA GLN A 45 27.52 -11.43 18.58
C GLN A 45 26.51 -12.58 18.80
N THR A 46 25.65 -12.81 17.82
CA THR A 46 24.64 -13.87 17.81
C THR A 46 25.26 -15.24 17.46
N GLY A 47 26.52 -15.25 17.03
CA GLY A 47 27.26 -16.49 16.79
C GLY A 47 27.54 -16.81 15.34
N TYR A 48 27.20 -15.88 14.43
CA TYR A 48 27.57 -16.00 13.01
C TYR A 48 29.05 -15.69 12.76
N ARG A 49 29.58 -16.40 11.78
CA ARG A 49 30.79 -16.00 11.05
C ARG A 49 30.37 -15.04 9.95
N VAL A 50 31.21 -14.05 9.69
CA VAL A 50 30.79 -12.97 8.79
C VAL A 50 31.79 -12.65 7.69
N VAL A 51 31.26 -12.52 6.46
CA VAL A 51 31.95 -11.86 5.38
C VAL A 51 31.58 -10.36 5.37
N ILE A 52 32.61 -9.54 5.56
CA ILE A 52 32.43 -8.08 5.60
CA ILE A 52 32.50 -8.07 5.63
C ILE A 52 32.78 -7.55 4.21
N HIS A 53 31.75 -7.38 3.39
CA HIS A 53 31.99 -6.84 2.06
C HIS A 53 32.19 -5.32 2.14
N TYR A 54 33.07 -4.79 1.29
CA TYR A 54 33.26 -3.35 1.21
C TYR A 54 33.67 -2.99 -0.22
N HIS A 55 33.68 -1.69 -0.51
CA HIS A 55 34.07 -1.17 -1.81
C HIS A 55 35.36 -0.33 -1.64
N ASN A 56 35.22 0.87 -1.09
CA ASN A 56 36.36 1.77 -0.86
C ASN A 56 36.91 1.79 0.55
N SER A 57 36.10 1.37 1.53
CA SER A 57 36.47 1.57 2.95
C SER A 57 37.29 0.43 3.49
N ALA A 58 38.49 0.25 2.92
CA ALA A 58 39.32 -0.93 3.21
C ALA A 58 39.83 -0.93 4.64
N GLU A 59 40.30 0.24 5.09
CA GLU A 59 40.83 0.35 6.46
C GLU A 59 39.77 0.02 7.52
N ALA A 60 38.59 0.63 7.35
CA ALA A 60 37.46 0.41 8.22
C ALA A 60 37.09 -1.09 8.26
N ALA A 61 37.12 -1.74 7.11
CA ALA A 61 36.66 -3.15 6.97
C ALA A 61 37.62 -4.10 7.72
N VAL A 62 38.91 -3.88 7.47
CA VAL A 62 39.98 -4.61 8.13
C VAL A 62 39.97 -4.38 9.64
N SER A 63 39.72 -3.15 10.07
CA SER A 63 39.66 -2.83 11.47
C SER A 63 38.51 -3.62 12.13
N LEU A 64 37.37 -3.69 11.44
CA LEU A 64 36.21 -4.42 11.97
C LEU A 64 36.52 -5.93 12.06
N ALA A 65 37.04 -6.49 10.97
CA ALA A 65 37.39 -7.91 10.96
C ALA A 65 38.39 -8.27 12.09
N ASP A 66 39.42 -7.42 12.30
CA ASP A 66 40.36 -7.61 13.40
C ASP A 66 39.66 -7.68 14.74
N GLU A 67 38.75 -6.75 15.00
CA GLU A 67 37.99 -6.74 16.26
C GLU A 67 37.22 -8.03 16.44
N LEU A 68 36.51 -8.43 15.39
CA LEU A 68 35.68 -9.63 15.46
C LEU A 68 36.48 -10.90 15.63
N ASN A 69 37.59 -11.01 14.91
CA ASN A 69 38.51 -12.15 15.08
C ASN A 69 39.23 -12.22 16.45
N LYS A 70 39.41 -11.07 17.09
CA LYS A 70 39.98 -11.02 18.43
C LYS A 70 38.98 -11.53 19.44
N GLU A 71 37.69 -11.31 19.17
CA GLU A 71 36.62 -11.87 19.98
C GLU A 71 36.53 -13.40 19.78
N ARG A 72 36.54 -13.86 18.53
CA ARG A 72 36.51 -15.31 18.26
C ARG A 72 37.37 -15.54 17.05
N SER A 73 38.47 -16.30 17.15
CA SER A 73 39.39 -16.43 15.99
C SER A 73 38.74 -17.07 14.76
N ASN A 74 39.16 -16.58 13.59
CA ASN A 74 38.74 -17.10 12.30
C ASN A 74 37.22 -17.07 12.11
N THR A 75 36.59 -15.99 12.54
CA THR A 75 35.16 -15.81 12.33
C THR A 75 34.77 -14.63 11.46
N ALA A 76 35.74 -13.89 10.94
CA ALA A 76 35.45 -12.74 10.05
C ALA A 76 36.47 -12.65 8.93
N VAL A 77 35.99 -12.36 7.72
CA VAL A 77 36.86 -12.06 6.60
C VAL A 77 36.30 -10.85 5.88
N VAL A 78 37.17 -10.16 5.17
CA VAL A 78 36.70 -9.07 4.33
C VAL A 78 36.61 -9.56 2.84
N CYS A 79 35.84 -8.83 2.06
CA CYS A 79 35.67 -9.14 0.63
C CYS A 79 35.38 -7.86 -0.13
N GLN A 80 36.30 -7.47 -1.00
CA GLN A 80 36.17 -6.21 -1.73
C GLN A 80 35.40 -6.44 -3.05
N ALA A 81 34.45 -5.58 -3.32
CA ALA A 81 33.84 -5.51 -4.62
C ALA A 81 33.11 -4.22 -4.90
N ASP A 82 33.18 -3.79 -6.16
CA ASP A 82 32.33 -2.74 -6.67
C ASP A 82 30.98 -3.39 -7.10
N LEU A 83 29.88 -2.83 -6.61
CA LEU A 83 28.51 -3.30 -6.92
C LEU A 83 27.75 -2.42 -7.95
N THR A 84 28.46 -1.55 -8.62
CA THR A 84 27.93 -0.79 -9.75
C THR A 84 27.51 -1.80 -10.83
N ASN A 85 26.41 -1.55 -11.52
CA ASN A 85 26.02 -2.45 -12.58
C ASN A 85 27.05 -2.42 -13.74
N SER A 86 27.36 -3.58 -14.31
CA SER A 86 28.21 -3.72 -15.48
C SER A 86 28.07 -5.19 -15.97
N ASN A 87 28.72 -5.52 -17.08
CA ASN A 87 28.62 -6.90 -17.57
C ASN A 87 29.36 -7.91 -16.67
N VAL A 88 30.23 -7.43 -15.78
CA VAL A 88 30.96 -8.27 -14.80
CA VAL A 88 30.91 -8.31 -14.83
C VAL A 88 30.28 -8.36 -13.44
N LEU A 89 29.23 -7.55 -13.19
CA LEU A 89 28.58 -7.56 -11.92
C LEU A 89 28.11 -9.00 -11.55
N PRO A 90 27.51 -9.74 -12.48
CA PRO A 90 27.14 -11.08 -12.05
C PRO A 90 28.32 -11.93 -11.49
N ALA A 91 29.46 -11.90 -12.17
CA ALA A 91 30.68 -12.59 -11.68
C ALA A 91 31.11 -12.08 -10.30
N SER A 92 31.05 -10.76 -10.12
CA SER A 92 31.43 -10.17 -8.85
C SER A 92 30.54 -10.67 -7.73
N CYS A 93 29.23 -10.73 -8.00
CA CYS A 93 28.28 -11.18 -6.97
C CYS A 93 28.44 -12.68 -6.67
N GLU A 94 28.65 -13.49 -7.70
CA GLU A 94 28.98 -14.90 -7.51
C GLU A 94 30.22 -15.03 -6.63
N GLU A 95 31.21 -14.15 -6.88
CA GLU A 95 32.42 -14.23 -6.10
C GLU A 95 32.24 -13.88 -4.64
N ILE A 96 31.38 -12.92 -4.35
CA ILE A 96 31.09 -12.56 -2.95
C ILE A 96 30.52 -13.78 -2.19
N ILE A 97 29.56 -14.45 -2.79
CA ILE A 97 29.00 -15.66 -2.20
C ILE A 97 30.03 -16.78 -2.09
N ASN A 98 30.84 -16.97 -3.12
CA ASN A 98 31.92 -17.96 -3.11
C ASN A 98 32.91 -17.71 -1.97
N SER A 99 33.15 -16.45 -1.68
CA SER A 99 34.08 -16.05 -0.61
C SER A 99 33.60 -16.52 0.77
N CYS A 100 32.28 -16.48 0.97
CA CYS A 100 31.68 -16.99 2.21
C CYS A 100 31.88 -18.49 2.30
N PHE A 101 31.59 -19.22 1.22
CA PHE A 101 31.85 -20.67 1.21
C PHE A 101 33.34 -21.03 1.38
N ARG A 102 34.21 -20.26 0.75
CA ARG A 102 35.66 -20.51 0.82
C ARG A 102 36.18 -20.38 2.27
N ALA A 103 35.77 -19.31 2.93
CA ALA A 103 36.15 -19.02 4.33
C ALA A 103 35.47 -19.97 5.30
N PHE A 104 34.16 -20.17 5.13
CA PHE A 104 33.40 -20.78 6.19
C PHE A 104 32.68 -22.09 5.86
N GLY A 105 32.61 -22.45 4.58
CA GLY A 105 32.03 -23.71 4.17
C GLY A 105 30.53 -23.72 4.00
N ARG A 106 29.90 -22.54 4.13
CA ARG A 106 28.45 -22.43 4.12
C ARG A 106 28.12 -20.96 3.97
N CYS A 107 26.85 -20.68 3.63
CA CYS A 107 26.36 -19.35 3.58
C CYS A 107 24.89 -19.35 3.86
N ASP A 108 24.55 -18.90 5.04
CA ASP A 108 23.20 -19.03 5.57
C ASP A 108 22.36 -17.79 5.46
N VAL A 109 23.02 -16.63 5.54
CA VAL A 109 22.35 -15.36 5.55
C VAL A 109 23.04 -14.41 4.57
N LEU A 110 22.24 -13.68 3.82
CA LEU A 110 22.70 -12.58 2.97
C LEU A 110 21.98 -11.32 3.36
N VAL A 111 22.73 -10.26 3.61
CA VAL A 111 22.17 -8.94 3.96
C VAL A 111 22.60 -7.94 2.88
N ASN A 112 21.64 -7.47 2.09
CA ASN A 112 21.90 -6.51 1.05
C ASN A 112 21.77 -5.09 1.62
N ASN A 113 22.92 -4.57 2.04
CA ASN A 113 23.03 -3.25 2.73
C ASN A 113 23.66 -2.14 1.93
N ALA A 114 24.66 -2.47 1.09
CA ALA A 114 25.42 -1.51 0.34
C ALA A 114 24.50 -0.65 -0.53
N SER A 115 24.77 0.63 -0.62
CA SER A 115 23.86 1.50 -1.32
C SER A 115 24.53 2.82 -1.69
N ALA A 116 24.43 3.18 -2.97
CA ALA A 116 24.74 4.55 -3.41
C ALA A 116 23.50 5.43 -3.21
N PHE A 117 23.74 6.71 -2.84
CA PHE A 117 22.66 7.59 -2.50
C PHE A 117 23.10 8.98 -2.83
N TYR A 118 22.43 9.60 -3.81
CA TYR A 118 22.72 10.99 -4.17
C TYR A 118 21.64 11.44 -5.16
N PRO A 119 21.46 12.77 -5.30
CA PRO A 119 20.44 13.28 -6.20
C PRO A 119 20.78 13.15 -7.66
N THR A 120 19.71 13.05 -8.46
CA THR A 120 19.74 12.98 -9.92
C THR A 120 18.55 13.83 -10.37
N PRO A 121 18.69 15.17 -10.33
CA PRO A 121 17.56 16.02 -10.70
C PRO A 121 17.09 15.74 -12.13
N LEU A 122 15.78 15.75 -12.32
CA LEU A 122 15.21 15.63 -13.67
C LEU A 122 15.41 16.81 -14.57
N VAL A 123 15.56 18.01 -13.98
CA VAL A 123 15.74 19.23 -14.75
C VAL A 123 16.94 19.97 -14.20
N GLN A 124 17.80 20.45 -15.11
CA GLN A 124 18.99 21.25 -14.73
C GLN A 124 18.92 22.66 -15.32
N GLY A 133 30.94 14.86 -11.64
CA GLY A 133 30.94 14.90 -13.11
C GLY A 133 30.41 13.61 -13.73
N LYS A 134 29.42 12.97 -13.10
CA LYS A 134 29.01 11.65 -13.56
C LYS A 134 28.09 11.75 -14.75
N THR A 135 28.30 10.85 -15.70
CA THR A 135 27.33 10.69 -16.79
C THR A 135 26.05 10.10 -16.20
N VAL A 136 24.94 10.32 -16.90
CA VAL A 136 23.67 9.75 -16.46
C VAL A 136 23.75 8.22 -16.47
N GLU A 137 24.44 7.63 -17.45
CA GLU A 137 24.59 6.17 -17.46
C GLU A 137 25.40 5.61 -16.24
N THR A 138 26.41 6.35 -15.79
CA THR A 138 27.08 6.02 -14.52
C THR A 138 26.13 6.08 -13.35
N GLN A 139 25.36 7.17 -13.28
CA GLN A 139 24.37 7.33 -12.20
C GLN A 139 23.37 6.15 -12.14
N VAL A 140 22.89 5.75 -13.30
CA VAL A 140 22.01 4.62 -13.40
C VAL A 140 22.71 3.35 -12.89
N ALA A 141 23.91 3.12 -13.38
CA ALA A 141 24.68 1.95 -13.02
C ALA A 141 24.96 1.89 -11.51
N GLU A 142 25.31 3.05 -10.91
CA GLU A 142 25.56 3.13 -9.47
C GLU A 142 24.29 2.98 -8.65
N LEU A 143 23.30 3.81 -8.91
CA LEU A 143 22.12 3.88 -8.04
C LEU A 143 21.22 2.62 -8.21
N ILE A 144 21.00 2.20 -9.44
CA ILE A 144 20.19 1.00 -9.71
C ILE A 144 21.02 -0.27 -9.44
N GLY A 145 22.30 -0.25 -9.82
CA GLY A 145 23.12 -1.39 -9.52
C GLY A 145 23.24 -1.71 -8.03
N THR A 146 23.67 -0.74 -7.20
CA THR A 146 23.86 -1.02 -5.80
C THR A 146 22.56 -1.38 -5.07
N ASN A 147 21.51 -0.62 -5.36
CA ASN A 147 20.25 -0.74 -4.61
C ASN A 147 19.33 -1.85 -5.11
N ALA A 148 19.54 -2.32 -6.34
CA ALA A 148 18.63 -3.31 -6.89
C ALA A 148 19.29 -4.47 -7.67
N ILE A 149 20.15 -4.17 -8.65
CA ILE A 149 20.67 -5.27 -9.50
CA ILE A 149 20.69 -5.25 -9.51
C ILE A 149 21.64 -6.16 -8.74
N ALA A 150 22.55 -5.54 -7.99
CA ALA A 150 23.46 -6.34 -7.15
C ALA A 150 22.66 -7.23 -6.14
N PRO A 151 21.70 -6.66 -5.39
CA PRO A 151 20.83 -7.52 -4.56
C PRO A 151 20.26 -8.72 -5.34
N PHE A 152 19.77 -8.47 -6.56
CA PHE A 152 19.20 -9.52 -7.42
C PHE A 152 20.23 -10.59 -7.81
N LEU A 153 21.42 -10.15 -8.22
CA LEU A 153 22.47 -11.08 -8.60
C LEU A 153 22.98 -11.87 -7.37
N LEU A 154 23.17 -11.18 -6.26
CA LEU A 154 23.59 -11.83 -4.99
C LEU A 154 22.56 -12.87 -4.54
N THR A 155 21.26 -12.54 -4.78
CA THR A 155 20.17 -13.45 -4.43
C THR A 155 20.24 -14.70 -5.31
N MET A 156 20.44 -14.48 -6.60
CA MET A 156 20.66 -15.58 -7.57
C MET A 156 21.78 -16.50 -7.10
N SER A 157 22.96 -15.90 -6.86
CA SER A 157 24.12 -16.68 -6.46
C SER A 157 23.94 -17.39 -5.10
N PHE A 158 23.31 -16.67 -4.15
CA PHE A 158 23.02 -17.25 -2.84
C PHE A 158 22.18 -18.53 -2.98
N ALA A 159 21.12 -18.43 -3.76
CA ALA A 159 20.22 -19.55 -3.97
C ALA A 159 20.92 -20.68 -4.72
N GLN A 160 21.64 -20.32 -5.77
CA GLN A 160 22.26 -21.33 -6.65
C GLN A 160 23.24 -22.19 -5.85
N ARG A 161 23.97 -21.56 -4.93
CA ARG A 161 24.98 -22.26 -4.14
C ARG A 161 24.39 -23.21 -3.10
N GLN A 162 23.11 -23.08 -2.74
CA GLN A 162 22.58 -23.92 -1.65
C GLN A 162 22.44 -25.41 -2.05
N LYS A 163 23.58 -26.09 -2.12
CA LYS A 163 23.68 -27.50 -2.56
C LYS A 163 24.19 -28.37 -1.42
N GLY A 164 23.36 -29.32 -0.97
CA GLY A 164 23.74 -30.26 0.10
C GLY A 164 24.70 -29.70 1.13
N SER A 171 17.94 -27.01 12.57
CA SER A 171 18.12 -27.43 11.20
CA SER A 171 18.25 -27.44 11.20
C SER A 171 18.45 -26.19 10.35
N SER A 172 18.21 -26.27 9.05
CA SER A 172 18.47 -25.16 8.12
C SER A 172 17.70 -23.88 8.51
N ASN A 173 18.34 -22.72 8.45
CA ASN A 173 17.62 -21.44 8.60
C ASN A 173 18.21 -20.37 7.68
N LEU A 174 17.88 -20.52 6.40
CA LEU A 174 18.44 -19.67 5.34
C LEU A 174 17.57 -18.48 5.09
N SER A 175 18.19 -17.31 5.05
CA SER A 175 17.41 -16.10 4.69
C SER A 175 18.24 -14.93 4.13
N ILE A 176 17.51 -14.03 3.48
CA ILE A 176 18.02 -12.81 2.89
C ILE A 176 17.25 -11.66 3.52
N VAL A 177 18.02 -10.64 3.91
CA VAL A 177 17.42 -9.37 4.36
C VAL A 177 17.93 -8.22 3.50
N ASN A 178 17.01 -7.47 2.92
CA ASN A 178 17.26 -6.30 2.09
C ASN A 178 17.00 -5.05 2.87
N LEU A 179 17.99 -4.16 2.83
CA LEU A 179 17.85 -2.83 3.45
C LEU A 179 17.12 -1.90 2.48
N CYS A 180 15.89 -1.56 2.87
CA CYS A 180 14.94 -0.86 2.05
C CYS A 180 14.90 0.61 2.57
N ASP A 181 13.73 1.27 2.50
CA ASP A 181 13.63 2.69 2.85
C ASP A 181 12.17 2.97 3.16
N ALA A 182 11.92 3.35 4.38
CA ALA A 182 10.56 3.63 4.82
C ALA A 182 9.86 4.81 4.10
N MET A 183 10.67 5.66 3.47
CA MET A 183 10.22 6.87 2.75
C MET A 183 10.06 6.70 1.25
N VAL A 184 10.02 5.44 0.79
CA VAL A 184 9.92 5.14 -0.67
C VAL A 184 8.71 5.74 -1.33
N ASP A 185 7.63 5.92 -0.57
CA ASP A 185 6.45 6.56 -1.12
C ASP A 185 6.27 8.03 -0.81
N GLN A 186 7.20 8.62 -0.05
CA GLN A 186 7.26 10.02 0.23
C GLN A 186 8.70 10.44 0.00
N PRO A 187 9.14 10.35 -1.24
CA PRO A 187 10.60 10.42 -1.46
C PRO A 187 11.23 11.82 -1.34
N CSX A 188 12.56 11.87 -1.18
CA CSX A 188 13.24 13.17 -1.24
CA CSX A 188 13.39 13.09 -1.29
CB CSX A 188 14.62 13.13 -0.58
CB CSX A 188 14.88 12.69 -1.13
SG CSX A 188 14.57 13.46 1.22
SG CSX A 188 15.59 12.53 0.54
C CSX A 188 13.22 13.71 -2.68
O CSX A 188 13.33 13.00 -3.70
OD CSX A 188 16.03 10.85 0.99
N MET A 189 12.98 15.01 -2.76
CA MET A 189 12.99 15.75 -4.00
C MET A 189 14.33 15.51 -4.72
N ALA A 190 14.26 15.24 -6.02
CA ALA A 190 15.42 15.10 -6.94
C ALA A 190 16.21 13.79 -6.75
N PHE A 191 15.59 12.81 -6.11
CA PHE A 191 16.25 11.48 -5.88
C PHE A 191 15.54 10.40 -6.71
N SER A 192 15.10 10.71 -7.92
CA SER A 192 14.34 9.73 -8.67
CA SER A 192 14.39 9.74 -8.76
C SER A 192 15.06 8.40 -8.91
N LEU A 193 16.32 8.42 -9.35
CA LEU A 193 16.97 7.16 -9.61
C LEU A 193 17.19 6.35 -8.33
N TYR A 194 17.63 7.01 -7.26
CA TYR A 194 17.72 6.34 -5.96
C TYR A 194 16.36 5.68 -5.58
N ASN A 195 15.28 6.43 -5.69
CA ASN A 195 13.95 5.94 -5.29
C ASN A 195 13.53 4.79 -6.21
N MET A 196 13.82 4.89 -7.51
CA MET A 196 13.54 3.80 -8.43
C MET A 196 14.24 2.50 -7.96
N GLY A 197 15.52 2.62 -7.56
CA GLY A 197 16.31 1.46 -7.11
C GLY A 197 15.74 0.85 -5.86
N LYS A 198 15.36 1.69 -4.89
CA LYS A 198 14.67 1.20 -3.68
C LYS A 198 13.30 0.55 -3.91
N HIS A 199 12.54 1.12 -4.83
CA HIS A 199 11.30 0.49 -5.24
C HIS A 199 11.54 -0.87 -5.91
N ALA A 200 12.56 -0.94 -6.77
CA ALA A 200 12.93 -2.17 -7.40
C ALA A 200 13.33 -3.22 -6.34
N LEU A 201 13.98 -2.76 -5.27
CA LEU A 201 14.36 -3.67 -4.19
C LEU A 201 13.15 -4.27 -3.46
N VAL A 202 12.09 -3.48 -3.29
CA VAL A 202 10.84 -4.02 -2.75
C VAL A 202 10.29 -5.15 -3.64
N GLY A 203 10.26 -4.87 -4.95
CA GLY A 203 9.91 -5.85 -5.96
C GLY A 203 10.69 -7.13 -5.83
N LEU A 204 12.02 -6.98 -5.75
CA LEU A 204 12.89 -8.14 -5.57
C LEU A 204 12.50 -8.92 -4.30
N THR A 205 12.33 -8.19 -3.21
CA THR A 205 12.04 -8.82 -1.90
C THR A 205 10.81 -9.71 -2.04
N GLN A 206 9.77 -9.20 -2.71
CA GLN A 206 8.54 -9.90 -2.86
C GLN A 206 8.68 -11.05 -3.87
N SER A 207 9.25 -10.77 -5.06
CA SER A 207 9.42 -11.78 -6.11
C SER A 207 10.30 -12.92 -5.60
N ALA A 208 11.40 -12.58 -4.91
CA ALA A 208 12.34 -13.57 -4.41
C ALA A 208 11.74 -14.41 -3.26
N ALA A 209 10.94 -13.76 -2.39
CA ALA A 209 10.23 -14.51 -1.33
C ALA A 209 9.36 -15.61 -1.90
N LEU A 210 8.60 -15.25 -2.93
CA LEU A 210 7.70 -16.19 -3.60
CA LEU A 210 7.71 -16.20 -3.60
C LEU A 210 8.46 -17.34 -4.25
N GLU A 211 9.50 -17.00 -5.01
CA GLU A 211 10.24 -17.95 -5.80
C GLU A 211 11.17 -18.87 -5.02
N LEU A 212 11.73 -18.35 -3.93
CA LEU A 212 12.67 -19.06 -3.09
C LEU A 212 12.04 -19.79 -1.89
N ALA A 213 10.76 -19.53 -1.62
CA ALA A 213 10.05 -20.27 -0.57
C ALA A 213 10.18 -21.81 -0.67
N PRO A 214 10.06 -22.40 -1.87
CA PRO A 214 10.21 -23.86 -1.99
C PRO A 214 11.58 -24.42 -1.56
N TYR A 215 12.61 -23.58 -1.62
CA TYR A 215 13.96 -23.94 -1.15
C TYR A 215 14.21 -23.63 0.32
N GLY A 216 13.18 -23.15 1.05
CA GLY A 216 13.33 -22.80 2.44
C GLY A 216 14.16 -21.53 2.68
N ILE A 217 14.28 -20.65 1.68
CA ILE A 217 15.01 -19.43 1.84
C ILE A 217 13.97 -18.31 1.98
N ARG A 218 13.99 -17.68 3.14
CA ARG A 218 13.07 -16.57 3.42
C ARG A 218 13.72 -15.28 2.91
N VAL A 219 12.91 -14.32 2.47
CA VAL A 219 13.42 -13.08 1.93
C VAL A 219 12.55 -11.96 2.48
N ASN A 220 13.19 -11.08 3.27
CA ASN A 220 12.52 -9.97 4.00
C ASN A 220 13.30 -8.70 3.83
N GLY A 221 12.71 -7.60 4.33
CA GLY A 221 13.33 -6.36 4.30
C GLY A 221 13.25 -5.61 5.62
N VAL A 222 14.20 -4.70 5.83
CA VAL A 222 14.16 -3.75 6.91
C VAL A 222 14.24 -2.33 6.31
N ALA A 223 13.25 -1.48 6.63
CA ALA A 223 13.07 -0.17 6.03
C ALA A 223 13.30 0.91 7.10
N PRO A 224 14.55 1.42 7.19
CA PRO A 224 14.82 2.60 8.10
C PRO A 224 14.10 3.84 7.60
N GLY A 225 13.80 4.75 8.53
CA GLY A 225 13.28 6.10 8.24
C GLY A 225 14.52 6.94 8.17
N VAL A 226 14.74 7.68 9.24
CA VAL A 226 16.05 8.29 9.47
C VAL A 226 16.78 7.53 10.55
N SER A 227 17.95 7.01 10.14
CA SER A 227 18.94 6.42 11.01
C SER A 227 20.20 7.34 10.90
N LEU A 228 21.37 6.73 10.80
CA LEU A 228 22.62 7.47 10.80
C LEU A 228 22.59 8.52 9.68
N LEU A 229 22.65 9.78 10.07
CA LEU A 229 22.66 10.85 9.09
C LEU A 229 24.01 10.89 8.38
N PRO A 230 24.05 11.45 7.18
CA PRO A 230 25.33 11.56 6.46
C PRO A 230 26.43 12.27 7.24
N VAL A 231 27.66 11.74 7.20
CA VAL A 231 28.76 12.26 8.02
C VAL A 231 29.03 13.75 7.73
N ALA A 232 28.80 14.13 6.48
CA ALA A 232 29.06 15.50 6.04
C ALA A 232 27.85 16.44 6.18
N MET A 233 26.71 15.94 6.65
CA MET A 233 25.56 16.77 6.90
C MET A 233 25.82 17.65 8.11
N GLY A 234 25.52 18.95 8.00
CA GLY A 234 25.67 19.86 9.12
C GLY A 234 24.68 19.58 10.23
N GLU A 235 25.03 20.02 11.43
CA GLU A 235 24.22 19.69 12.59
C GLU A 235 22.83 20.28 12.49
N GLU A 236 22.70 21.53 12.01
CA GLU A 236 21.40 22.13 11.83
CA GLU A 236 21.34 22.09 11.89
C GLU A 236 20.47 21.28 10.93
N GLU A 237 21.05 20.76 9.84
CA GLU A 237 20.30 19.97 8.91
C GLU A 237 19.93 18.62 9.54
N LYS A 238 20.87 18.02 10.28
CA LYS A 238 20.58 16.82 11.04
C LYS A 238 19.37 17.01 11.96
N ASP A 239 19.39 18.08 12.73
CA ASP A 239 18.29 18.39 13.65
C ASP A 239 16.96 18.60 12.93
N LYS A 240 16.97 19.16 11.73
CA LYS A 240 15.73 19.35 10.98
CA LYS A 240 15.73 19.35 10.95
C LYS A 240 15.05 18.00 10.77
N TRP A 241 15.86 16.98 10.49
CA TRP A 241 15.34 15.61 10.33
C TRP A 241 14.91 14.97 11.66
N ARG A 242 15.76 15.12 12.67
CA ARG A 242 15.50 14.59 13.99
C ARG A 242 14.15 15.06 14.52
N ARG A 243 13.85 16.34 14.33
CA ARG A 243 12.66 16.93 14.88
C ARG A 243 11.38 16.40 14.25
N LYS A 244 11.51 15.81 13.08
CA LYS A 244 10.36 15.21 12.37
C LYS A 244 9.89 13.86 12.96
N VAL A 245 10.74 13.23 13.73
CA VAL A 245 10.47 11.83 14.13
C VAL A 245 9.56 11.78 15.37
N PRO A 246 8.32 11.22 15.23
CA PRO A 246 7.43 11.23 16.42
C PRO A 246 7.99 10.55 17.68
N LEU A 247 8.63 9.40 17.48
CA LEU A 247 9.09 8.58 18.59
C LEU A 247 10.51 9.04 19.03
N GLY A 248 10.56 10.00 19.96
CA GLY A 248 11.84 10.47 20.53
C GLY A 248 12.54 11.65 19.82
N ARG A 249 12.04 12.07 18.65
CA ARG A 249 12.61 13.21 17.91
C ARG A 249 14.11 13.03 17.70
N ARG A 250 14.46 11.80 17.31
CA ARG A 250 15.83 11.46 17.05
C ARG A 250 15.87 10.31 16.07
N GLU A 251 17.03 10.16 15.43
CA GLU A 251 17.27 9.16 14.44
C GLU A 251 17.45 7.78 15.10
N ALA A 252 17.19 6.74 14.31
CA ALA A 252 17.47 5.36 14.79
C ALA A 252 18.97 5.20 14.96
N SER A 253 19.37 4.51 16.02
CA SER A 253 20.75 4.05 16.14
C SER A 253 20.99 2.96 15.14
N ALA A 254 22.26 2.76 14.79
CA ALA A 254 22.60 1.69 13.90
C ALA A 254 22.19 0.34 14.51
N GLU A 255 22.39 0.21 15.82
CA GLU A 255 21.95 -1.00 16.52
C GLU A 255 20.44 -1.32 16.39
N GLN A 256 19.64 -0.27 16.42
CA GLN A 256 18.19 -0.45 16.30
C GLN A 256 17.80 -1.03 14.97
N ILE A 257 18.47 -0.58 13.92
CA ILE A 257 18.25 -1.14 12.61
C ILE A 257 18.72 -2.62 12.58
N ALA A 258 19.91 -2.86 13.13
CA ALA A 258 20.49 -4.21 13.24
C ALA A 258 19.55 -5.15 14.01
N ASP A 259 18.87 -4.62 15.04
CA ASP A 259 17.94 -5.47 15.82
C ASP A 259 16.86 -6.10 14.92
N ALA A 260 16.31 -5.33 13.99
CA ALA A 260 15.23 -5.85 13.10
C ALA A 260 15.78 -6.90 12.15
N VAL A 261 17.00 -6.67 11.62
CA VAL A 261 17.67 -7.66 10.83
C VAL A 261 17.86 -8.98 11.59
N ILE A 262 18.38 -8.90 12.81
CA ILE A 262 18.65 -10.08 13.63
C ILE A 262 17.32 -10.83 13.91
N PHE A 263 16.25 -10.09 14.13
CA PHE A 263 14.97 -10.76 14.30
C PHE A 263 14.58 -11.59 13.08
N LEU A 264 14.66 -10.95 11.92
CA LEU A 264 14.24 -11.60 10.66
C LEU A 264 15.07 -12.82 10.28
N VAL A 265 16.35 -12.85 10.65
CA VAL A 265 17.16 -14.03 10.38
C VAL A 265 16.98 -15.18 11.41
N SER A 266 16.38 -14.84 12.57
CA SER A 266 16.25 -15.73 13.68
C SER A 266 15.13 -16.75 13.51
N GLY A 267 15.16 -17.75 14.38
CA GLY A 267 14.08 -18.73 14.50
C GLY A 267 12.74 -18.12 14.89
N SER A 268 12.75 -16.94 15.49
CA SER A 268 11.48 -16.25 15.83
C SER A 268 10.71 -15.68 14.63
N ALA A 269 11.29 -15.81 13.43
CA ALA A 269 10.73 -15.26 12.21
C ALA A 269 10.62 -16.35 11.15
N GLN A 270 10.58 -17.61 11.58
CA GLN A 270 10.61 -18.71 10.57
C GLN A 270 9.43 -18.85 9.61
N TYR A 271 8.28 -18.26 9.93
CA TYR A 271 7.16 -18.22 9.02
C TYR A 271 7.05 -16.87 8.27
N ILE A 272 7.99 -15.98 8.51
CA ILE A 272 7.99 -14.65 7.91
C ILE A 272 8.79 -14.62 6.62
N THR A 273 8.11 -14.32 5.52
CA THR A 273 8.80 -14.12 4.24
C THR A 273 7.99 -13.15 3.37
N GLY A 274 8.73 -12.34 2.63
CA GLY A 274 8.17 -11.25 1.85
C GLY A 274 7.69 -10.06 2.66
N SER A 275 8.12 -9.95 3.92
CA SER A 275 7.75 -8.84 4.79
C SER A 275 8.84 -7.77 4.84
N ILE A 276 8.42 -6.52 4.87
CA ILE A 276 9.34 -5.42 5.06
C ILE A 276 8.96 -4.68 6.32
N ILE A 277 9.85 -4.77 7.31
CA ILE A 277 9.57 -4.15 8.62
C ILE A 277 10.12 -2.70 8.63
N LYS A 278 9.22 -1.71 8.75
CA LYS A 278 9.66 -0.33 8.98
C LYS A 278 10.25 -0.22 10.36
N VAL A 279 11.36 0.48 10.41
CA VAL A 279 12.05 0.85 11.65
C VAL A 279 12.31 2.37 11.57
N ASP A 280 11.24 3.13 11.79
CA ASP A 280 11.20 4.52 11.46
C ASP A 280 10.66 5.48 12.53
N GLY A 281 10.31 4.99 13.71
CA GLY A 281 9.83 5.88 14.79
C GLY A 281 8.59 6.69 14.44
N GLY A 282 7.83 6.15 13.47
CA GLY A 282 6.62 6.77 12.99
C GLY A 282 6.79 7.84 11.90
N LEU A 283 8.02 8.06 11.43
CA LEU A 283 8.31 9.13 10.47
C LEU A 283 7.41 9.10 9.24
N SER A 284 7.17 7.92 8.70
CA SER A 284 6.41 7.74 7.47
C SER A 284 4.92 8.06 7.62
N LEU A 285 4.46 8.09 8.87
CA LEU A 285 3.07 8.40 9.20
C LEU A 285 2.79 9.92 9.27
N VAL A 286 3.85 10.73 9.20
CA VAL A 286 3.73 12.15 9.43
C VAL A 286 3.45 12.92 8.14
N HIS A 287 2.32 13.59 8.06
CA HIS A 287 2.00 14.41 6.87
C HIS A 287 2.85 15.65 6.73
N ALA A 288 2.82 16.24 5.53
CA ALA A 288 3.56 17.44 5.23
C ALA A 288 3.12 18.60 6.08
N GLU B 22 10.75 -4.85 39.09
CA GLU B 22 9.43 -5.52 39.18
C GLU B 22 8.98 -5.97 37.79
N ALA B 23 8.09 -6.95 37.77
CA ALA B 23 7.72 -7.57 36.50
C ALA B 23 6.69 -6.73 35.79
N PRO B 24 6.82 -6.60 34.47
CA PRO B 24 5.82 -5.86 33.70
C PRO B 24 4.54 -6.69 33.60
N ALA B 25 3.48 -6.02 33.15
CA ALA B 25 2.16 -6.65 33.02
C ALA B 25 1.56 -6.35 31.66
N ALA B 26 0.87 -7.36 31.13
CA ALA B 26 0.20 -7.29 29.86
C ALA B 26 -1.27 -7.69 29.95
N VAL B 27 -2.09 -7.02 29.16
CA VAL B 27 -3.51 -7.42 28.93
C VAL B 27 -3.52 -8.06 27.55
N VAL B 28 -4.06 -9.27 27.44
CA VAL B 28 -4.30 -9.92 26.13
C VAL B 28 -5.77 -10.19 26.02
N THR B 29 -6.41 -9.62 24.99
CA THR B 29 -7.85 -9.88 24.79
C THR B 29 -8.06 -11.22 24.05
N GLY B 30 -9.18 -11.89 24.37
CA GLY B 30 -9.53 -13.20 23.76
C GLY B 30 -8.40 -14.20 23.95
N ALA B 31 -7.88 -14.27 25.16
CA ALA B 31 -6.65 -15.02 25.49
C ALA B 31 -6.88 -16.45 25.95
N ALA B 32 -8.13 -16.88 26.02
CA ALA B 32 -8.40 -18.25 26.52
C ALA B 32 -7.92 -19.37 25.58
N LYS B 33 -7.95 -19.10 24.29
CA LYS B 33 -7.78 -20.13 23.28
C LYS B 33 -6.90 -19.61 22.14
N ARG B 34 -6.36 -20.61 21.43
CA ARG B 34 -5.81 -20.41 20.12
C ARG B 34 -4.68 -19.35 20.12
N ILE B 35 -4.74 -18.35 19.23
CA ILE B 35 -3.63 -17.41 19.12
C ILE B 35 -3.46 -16.56 20.40
N GLY B 36 -4.55 -16.01 20.93
CA GLY B 36 -4.48 -15.23 22.15
C GLY B 36 -3.85 -16.01 23.30
N ARG B 37 -4.18 -17.30 23.41
CA ARG B 37 -3.58 -18.16 24.46
C ARG B 37 -2.09 -18.28 24.29
N ALA B 38 -1.65 -18.49 23.05
CA ALA B 38 -0.23 -18.68 22.82
C ALA B 38 0.52 -17.39 23.11
N ILE B 39 -0.09 -16.24 22.76
CA ILE B 39 0.50 -14.93 23.09
C ILE B 39 0.64 -14.72 24.61
N ALA B 40 -0.45 -14.96 25.34
CA ALA B 40 -0.43 -14.89 26.80
C ALA B 40 0.68 -15.78 27.41
N VAL B 41 0.79 -17.02 26.94
CA VAL B 41 1.82 -17.95 27.39
C VAL B 41 3.25 -17.47 27.11
N LYS B 42 3.48 -16.96 25.90
CA LYS B 42 4.83 -16.48 25.53
C LYS B 42 5.18 -15.22 26.30
N LEU B 43 4.21 -14.33 26.47
CA LEU B 43 4.45 -13.17 27.33
C LEU B 43 4.83 -13.61 28.76
N HIS B 44 4.08 -14.56 29.29
CA HIS B 44 4.33 -15.10 30.60
C HIS B 44 5.74 -15.69 30.70
N GLN B 45 6.08 -16.51 29.72
CA GLN B 45 7.44 -17.09 29.64
C GLN B 45 8.57 -16.04 29.56
N THR B 46 8.24 -14.85 29.03
CA THR B 46 9.16 -13.74 28.86
C THR B 46 9.28 -12.91 30.13
N GLY B 47 8.40 -13.14 31.12
CA GLY B 47 8.50 -12.52 32.40
C GLY B 47 7.33 -11.62 32.76
N TYR B 48 6.31 -11.54 31.89
CA TYR B 48 5.17 -10.67 32.15
C TYR B 48 4.16 -11.34 33.08
N ARG B 49 3.52 -10.52 33.89
CA ARG B 49 2.25 -10.91 34.51
C ARG B 49 1.16 -10.63 33.47
N VAL B 50 0.09 -11.43 33.47
CA VAL B 50 -0.92 -11.34 32.42
CA VAL B 50 -0.91 -11.35 32.41
C VAL B 50 -2.36 -11.31 32.93
N VAL B 51 -3.13 -10.42 32.32
CA VAL B 51 -4.59 -10.40 32.41
C VAL B 51 -5.12 -11.10 31.14
N ILE B 52 -5.72 -12.25 31.38
CA ILE B 52 -6.35 -13.11 30.39
C ILE B 52 -7.81 -12.67 30.24
N HIS B 53 -8.07 -11.86 29.22
CA HIS B 53 -9.42 -11.45 28.94
C HIS B 53 -10.15 -12.57 28.15
N TYR B 54 -11.43 -12.73 28.44
CA TYR B 54 -12.23 -13.75 27.73
C TYR B 54 -13.69 -13.27 27.69
N HIS B 55 -14.46 -13.85 26.78
CA HIS B 55 -15.87 -13.52 26.65
C HIS B 55 -16.69 -14.74 27.09
N ASN B 56 -16.74 -15.77 26.26
CA ASN B 56 -17.50 -17.01 26.59
C ASN B 56 -16.65 -18.16 27.16
N SER B 57 -15.32 -18.16 26.97
CA SER B 57 -14.52 -19.36 27.31
C SER B 57 -13.97 -19.28 28.73
N ALA B 58 -14.85 -19.24 29.71
CA ALA B 58 -14.43 -19.05 31.13
C ALA B 58 -13.57 -20.24 31.60
N GLU B 59 -13.99 -21.45 31.26
CA GLU B 59 -13.26 -22.63 31.71
C GLU B 59 -11.85 -22.66 31.18
N ALA B 60 -11.68 -22.39 29.87
CA ALA B 60 -10.33 -22.29 29.26
C ALA B 60 -9.49 -21.15 29.83
N ALA B 61 -10.10 -20.00 30.08
CA ALA B 61 -9.38 -18.85 30.65
C ALA B 61 -8.84 -19.20 32.03
N VAL B 62 -9.70 -19.80 32.85
CA VAL B 62 -9.33 -20.19 34.22
C VAL B 62 -8.24 -21.28 34.20
N SER B 63 -8.37 -22.25 33.30
CA SER B 63 -7.36 -23.31 33.21
CA SER B 63 -7.36 -23.31 33.15
C SER B 63 -5.99 -22.76 32.83
N LEU B 64 -5.96 -21.77 31.91
CA LEU B 64 -4.72 -21.10 31.57
C LEU B 64 -4.17 -20.34 32.78
N ALA B 65 -5.01 -19.55 33.44
CA ALA B 65 -4.57 -18.79 34.63
C ALA B 65 -4.03 -19.72 35.71
N ASP B 66 -4.69 -20.87 35.93
CA ASP B 66 -4.21 -21.83 36.91
C ASP B 66 -2.81 -22.37 36.52
N GLU B 67 -2.63 -22.67 35.24
CA GLU B 67 -1.35 -23.16 34.70
C GLU B 67 -0.26 -22.14 34.94
N LEU B 68 -0.52 -20.90 34.55
CA LEU B 68 0.48 -19.83 34.70
C LEU B 68 0.84 -19.52 36.18
N ASN B 69 -0.17 -19.55 37.05
CA ASN B 69 0.07 -19.31 38.49
C ASN B 69 0.76 -20.49 39.19
N LYS B 70 0.60 -21.69 38.63
CA LYS B 70 1.36 -22.84 39.08
C LYS B 70 2.83 -22.61 38.74
N GLU B 71 3.10 -22.05 37.56
CA GLU B 71 4.50 -21.71 37.17
C GLU B 71 5.12 -20.60 38.02
N ARG B 72 4.37 -19.50 38.24
CA ARG B 72 4.79 -18.37 39.10
C ARG B 72 3.57 -17.85 39.82
N SER B 73 3.54 -17.97 41.15
CA SER B 73 2.31 -17.57 41.86
CA SER B 73 2.35 -17.53 41.93
C SER B 73 2.01 -16.10 41.63
N ASN B 74 0.72 -15.82 41.54
CA ASN B 74 0.17 -14.47 41.49
C ASN B 74 0.65 -13.71 40.26
N THR B 75 0.69 -14.41 39.14
CA THR B 75 1.13 -13.77 37.88
C THR B 75 0.10 -13.78 36.76
N ALA B 76 -1.10 -14.34 37.02
CA ALA B 76 -2.16 -14.38 36.03
C ALA B 76 -3.51 -14.20 36.68
N VAL B 77 -4.31 -13.38 36.04
CA VAL B 77 -5.73 -13.22 36.43
C VAL B 77 -6.59 -13.23 35.19
N VAL B 78 -7.89 -13.43 35.37
CA VAL B 78 -8.80 -13.46 34.22
C VAL B 78 -9.76 -12.26 34.35
N CYS B 79 -10.30 -11.86 33.20
CA CYS B 79 -11.18 -10.68 33.12
C CYS B 79 -12.22 -10.96 32.07
N GLN B 80 -13.50 -11.06 32.46
CA GLN B 80 -14.56 -11.32 31.49
C GLN B 80 -15.17 -10.03 30.92
N ALA B 81 -15.37 -9.96 29.59
CA ALA B 81 -16.08 -8.86 29.00
C ALA B 81 -16.50 -9.17 27.59
N ASP B 82 -17.68 -8.67 27.25
CA ASP B 82 -18.14 -8.65 25.86
C ASP B 82 -17.58 -7.39 25.22
N LEU B 83 -16.93 -7.56 24.05
CA LEU B 83 -16.32 -6.43 23.31
C LEU B 83 -17.12 -6.01 22.08
N THR B 84 -18.36 -6.48 21.98
CA THR B 84 -19.31 -5.99 20.99
C THR B 84 -19.51 -4.48 21.24
N ASN B 85 -19.68 -3.72 20.17
CA ASN B 85 -19.97 -2.30 20.30
C ASN B 85 -21.33 -2.10 20.99
N SER B 86 -21.37 -1.11 21.87
CA SER B 86 -22.60 -0.76 22.57
C SER B 86 -22.30 0.50 23.38
N ASN B 87 -23.34 1.07 24.01
CA ASN B 87 -23.22 2.19 24.96
CA ASN B 87 -23.11 2.24 24.86
C ASN B 87 -22.32 1.92 26.17
N VAL B 88 -22.21 0.66 26.56
CA VAL B 88 -21.42 0.32 27.75
C VAL B 88 -19.99 -0.13 27.39
N LEU B 89 -19.70 -0.33 26.11
CA LEU B 89 -18.34 -0.80 25.72
C LEU B 89 -17.17 0.08 26.28
N PRO B 90 -17.29 1.44 26.26
CA PRO B 90 -16.20 2.24 26.81
C PRO B 90 -15.92 1.92 28.29
N ALA B 91 -16.96 1.77 29.09
CA ALA B 91 -16.81 1.34 30.47
C ALA B 91 -16.17 -0.03 30.62
N SER B 92 -16.61 -1.00 29.80
CA SER B 92 -16.04 -2.34 29.81
C SER B 92 -14.52 -2.31 29.53
N CYS B 93 -14.12 -1.48 28.56
CA CYS B 93 -12.74 -1.38 28.13
C CYS B 93 -11.93 -0.69 29.21
N GLU B 94 -12.48 0.35 29.84
CA GLU B 94 -11.82 0.98 30.97
C GLU B 94 -11.60 -0.05 32.12
N GLU B 95 -12.60 -0.89 32.36
CA GLU B 95 -12.52 -1.89 33.44
C GLU B 95 -11.44 -2.99 33.18
N ILE B 96 -11.31 -3.42 31.92
CA ILE B 96 -10.26 -4.34 31.53
C ILE B 96 -8.83 -3.79 31.86
N ILE B 97 -8.60 -2.55 31.47
CA ILE B 97 -7.35 -1.89 31.80
C ILE B 97 -7.19 -1.74 33.33
N ASN B 98 -8.27 -1.32 34.01
CA ASN B 98 -8.25 -1.15 35.46
C ASN B 98 -7.90 -2.48 36.15
N SER B 99 -8.39 -3.59 35.61
CA SER B 99 -8.13 -4.91 36.19
C SER B 99 -6.65 -5.24 36.21
N CYS B 100 -5.93 -4.79 35.20
CA CYS B 100 -4.51 -4.99 35.16
C CYS B 100 -3.80 -4.18 36.26
N PHE B 101 -4.19 -2.93 36.41
CA PHE B 101 -3.68 -2.10 37.48
C PHE B 101 -4.02 -2.63 38.88
N ARG B 102 -5.24 -3.12 39.08
CA ARG B 102 -5.64 -3.65 40.38
C ARG B 102 -4.87 -4.93 40.70
N ALA B 103 -4.58 -5.75 39.72
CA ALA B 103 -3.89 -6.98 39.98
C ALA B 103 -2.40 -6.78 40.12
N PHE B 104 -1.82 -5.92 39.28
CA PHE B 104 -0.38 -5.87 39.12
C PHE B 104 0.30 -4.52 39.33
N GLY B 105 -0.49 -3.46 39.49
CA GLY B 105 0.00 -2.13 39.80
C GLY B 105 0.56 -1.37 38.61
N ARG B 106 0.42 -1.95 37.42
CA ARG B 106 0.96 -1.38 36.20
C ARG B 106 0.31 -2.10 35.03
N CYS B 107 0.46 -1.51 33.85
CA CYS B 107 0.01 -2.12 32.59
C CYS B 107 0.93 -1.63 31.50
N ASP B 108 1.89 -2.47 31.12
CA ASP B 108 2.94 -2.12 30.15
C ASP B 108 2.61 -2.45 28.68
N VAL B 109 1.79 -3.47 28.49
CA VAL B 109 1.51 -4.03 27.14
C VAL B 109 0.01 -4.31 27.02
N LEU B 110 -0.54 -3.91 25.88
CA LEU B 110 -1.91 -4.31 25.49
C LEU B 110 -1.84 -5.00 24.16
N VAL B 111 -2.43 -6.21 24.10
CA VAL B 111 -2.54 -6.96 22.86
C VAL B 111 -4.00 -7.10 22.49
N ASN B 112 -4.38 -6.47 21.36
CA ASN B 112 -5.74 -6.52 20.89
C ASN B 112 -5.88 -7.70 19.92
N ASN B 113 -6.32 -8.81 20.48
CA ASN B 113 -6.39 -10.11 19.79
C ASN B 113 -7.83 -10.60 19.53
N ALA B 114 -8.75 -10.36 20.46
CA ALA B 114 -10.15 -10.80 20.33
C ALA B 114 -10.84 -10.35 19.06
N SER B 115 -11.62 -11.24 18.45
CA SER B 115 -12.13 -10.95 17.13
C SER B 115 -13.28 -11.82 16.75
N ALA B 116 -14.41 -11.19 16.37
CA ALA B 116 -15.52 -11.89 15.72
C ALA B 116 -15.20 -12.02 14.24
N PHE B 117 -15.59 -13.15 13.66
CA PHE B 117 -15.23 -13.47 12.30
C PHE B 117 -16.29 -14.42 11.73
N TYR B 118 -17.05 -13.86 10.82
CA TYR B 118 -18.11 -14.59 10.10
C TYR B 118 -18.59 -13.76 8.88
N PRO B 119 -19.17 -14.44 7.89
CA PRO B 119 -19.62 -13.71 6.69
C PRO B 119 -20.86 -12.85 6.95
N THR B 120 -20.90 -11.78 6.17
CA THR B 120 -21.99 -10.83 6.16
C THR B 120 -22.26 -10.43 4.71
N PRO B 121 -22.95 -11.30 3.97
CA PRO B 121 -23.13 -11.02 2.54
C PRO B 121 -23.94 -9.75 2.29
N LEU B 122 -23.59 -9.08 1.21
CA LEU B 122 -24.22 -7.82 0.83
C LEU B 122 -25.61 -8.00 0.27
N VAL B 123 -25.81 -9.13 -0.42
CA VAL B 123 -27.10 -9.48 -1.05
C VAL B 123 -27.59 -10.83 -0.52
N GLN B 124 -28.90 -10.91 -0.23
CA GLN B 124 -29.49 -12.13 0.32
CA GLN B 124 -29.51 -12.11 0.35
C GLN B 124 -30.72 -12.56 -0.48
N ASN B 132 -27.38 -15.44 9.95
CA ASN B 132 -28.31 -16.56 10.20
C ASN B 132 -29.55 -16.12 11.02
N GLY B 133 -29.35 -15.83 12.31
CA GLY B 133 -30.38 -15.19 13.14
C GLY B 133 -30.11 -13.71 13.37
N LYS B 134 -28.84 -13.29 13.30
CA LYS B 134 -28.44 -11.93 13.70
C LYS B 134 -28.97 -10.84 12.77
N THR B 135 -29.47 -9.78 13.35
CA THR B 135 -29.75 -8.55 12.58
C THR B 135 -28.44 -7.92 12.06
N VAL B 136 -28.57 -7.13 11.02
CA VAL B 136 -27.36 -6.52 10.49
C VAL B 136 -26.71 -5.57 11.53
N GLU B 137 -27.54 -4.86 12.31
CA GLU B 137 -26.95 -3.95 13.34
C GLU B 137 -26.16 -4.73 14.42
N THR B 138 -26.56 -5.96 14.73
CA THR B 138 -25.81 -6.81 15.67
C THR B 138 -24.50 -7.22 15.03
N GLN B 139 -24.57 -7.53 13.75
CA GLN B 139 -23.36 -7.94 13.00
C GLN B 139 -22.32 -6.80 12.94
N VAL B 140 -22.81 -5.60 12.66
CA VAL B 140 -21.98 -4.40 12.77
C VAL B 140 -21.35 -4.30 14.15
N ALA B 141 -22.19 -4.41 15.16
CA ALA B 141 -21.73 -4.29 16.56
C ALA B 141 -20.62 -5.27 16.92
N GLU B 142 -20.81 -6.52 16.53
CA GLU B 142 -19.88 -7.58 16.84
C GLU B 142 -18.60 -7.46 16.07
N LEU B 143 -18.72 -7.29 14.76
CA LEU B 143 -17.54 -7.32 13.87
C LEU B 143 -16.70 -6.05 13.96
N ILE B 144 -17.36 -4.90 13.96
CA ILE B 144 -16.68 -3.62 14.06
C ILE B 144 -16.26 -3.38 15.51
N GLY B 145 -17.07 -3.82 16.47
CA GLY B 145 -16.70 -3.69 17.88
C GLY B 145 -15.47 -4.43 18.28
N THR B 146 -15.42 -5.74 18.00
CA THR B 146 -14.31 -6.55 18.47
C THR B 146 -13.01 -6.18 17.73
N ASN B 147 -13.10 -6.00 16.42
CA ASN B 147 -11.91 -5.81 15.56
C ASN B 147 -11.38 -4.38 15.53
N ALA B 148 -12.21 -3.40 15.90
CA ALA B 148 -11.82 -1.95 15.75
C ALA B 148 -12.19 -1.04 16.96
N ILE B 149 -13.47 -0.98 17.33
CA ILE B 149 -13.90 -0.04 18.37
CA ILE B 149 -13.93 -0.05 18.36
C ILE B 149 -13.36 -0.41 19.75
N ALA B 150 -13.49 -1.68 20.13
CA ALA B 150 -12.92 -2.11 21.42
C ALA B 150 -11.39 -1.85 21.46
N PRO B 151 -10.63 -2.23 20.41
CA PRO B 151 -9.19 -1.84 20.41
C PRO B 151 -8.96 -0.34 20.59
N PHE B 152 -9.76 0.46 19.92
CA PHE B 152 -9.66 1.92 20.11
C PHE B 152 -9.92 2.36 21.60
N LEU B 153 -11.02 1.86 22.18
CA LEU B 153 -11.39 2.23 23.54
C LEU B 153 -10.36 1.70 24.57
N LEU B 154 -9.87 0.49 24.35
CA LEU B 154 -8.76 -0.09 25.15
C LEU B 154 -7.47 0.73 25.06
N THR B 155 -7.16 1.20 23.84
CA THR B 155 -6.01 2.03 23.59
C THR B 155 -6.19 3.35 24.35
N MET B 156 -7.36 3.94 24.28
CA MET B 156 -7.68 5.18 25.05
C MET B 156 -7.44 4.99 26.55
N SER B 157 -8.01 3.91 27.07
CA SER B 157 -7.92 3.61 28.49
C SER B 157 -6.51 3.30 28.91
N PHE B 158 -5.78 2.58 28.06
CA PHE B 158 -4.38 2.21 28.31
C PHE B 158 -3.55 3.51 28.45
N ALA B 159 -3.72 4.40 27.48
CA ALA B 159 -2.97 5.67 27.39
C ALA B 159 -3.28 6.59 28.53
N GLN B 160 -4.57 6.68 28.85
CA GLN B 160 -5.01 7.58 29.90
C GLN B 160 -4.44 7.17 31.24
N ARG B 161 -4.29 5.86 31.48
CA ARG B 161 -3.66 5.38 32.74
C ARG B 161 -2.15 5.57 32.83
N GLN B 162 -1.53 5.96 31.74
CA GLN B 162 -0.11 6.23 31.76
C GLN B 162 0.19 7.64 32.31
N LYS B 163 0.72 7.59 33.55
CA LYS B 163 1.17 8.71 34.37
C LYS B 163 2.60 8.37 34.82
N SER B 172 11.08 1.88 31.25
CA SER B 172 9.82 2.04 30.49
C SER B 172 9.91 1.49 29.04
N ASN B 173 9.02 0.54 28.74
CA ASN B 173 8.82 -0.01 27.42
C ASN B 173 7.34 -0.31 27.20
N LEU B 174 6.56 0.75 27.00
CA LEU B 174 5.11 0.60 26.85
C LEU B 174 4.77 0.40 25.40
N SER B 175 3.92 -0.59 25.12
CA SER B 175 3.46 -0.77 23.74
C SER B 175 2.16 -1.54 23.62
N ILE B 176 1.58 -1.39 22.44
CA ILE B 176 0.31 -1.99 22.05
C ILE B 176 0.55 -2.78 20.78
N VAL B 177 -0.04 -3.96 20.69
CA VAL B 177 0.08 -4.81 19.49
C VAL B 177 -1.31 -5.25 19.09
N ASN B 178 -1.67 -4.90 17.88
CA ASN B 178 -2.94 -5.19 17.29
C ASN B 178 -2.77 -6.36 16.32
N LEU B 179 -3.64 -7.34 16.48
CA LEU B 179 -3.70 -8.49 15.58
C LEU B 179 -4.55 -8.10 14.38
N CYS B 180 -3.85 -7.90 13.27
CA CYS B 180 -4.38 -7.48 12.02
C CYS B 180 -4.66 -8.72 11.11
N ASP B 181 -4.50 -8.56 9.80
CA ASP B 181 -4.83 -9.60 8.83
C ASP B 181 -4.06 -9.30 7.54
N ALA B 182 -3.13 -10.20 7.17
CA ALA B 182 -2.33 -10.00 6.02
C ALA B 182 -3.13 -9.98 4.67
N MET B 183 -4.36 -10.49 4.71
CA MET B 183 -5.22 -10.62 3.53
C MET B 183 -6.24 -9.48 3.42
N VAL B 184 -6.02 -8.38 4.16
CA VAL B 184 -6.93 -7.24 4.24
C VAL B 184 -7.18 -6.62 2.87
N ASP B 185 -6.21 -6.71 1.97
CA ASP B 185 -6.42 -6.21 0.59
C ASP B 185 -6.78 -7.23 -0.50
N GLN B 186 -6.92 -8.49 -0.10
CA GLN B 186 -7.39 -9.55 -0.95
C GLN B 186 -8.43 -10.31 -0.15
N PRO B 187 -9.54 -9.64 0.12
CA PRO B 187 -10.41 -10.19 1.17
C PRO B 187 -11.24 -11.40 0.76
N CYS B 188 -11.68 -12.19 1.74
CA CYS B 188 -12.57 -13.32 1.44
C CYS B 188 -13.93 -12.79 1.03
N MET B 189 -14.51 -13.44 0.02
CA MET B 189 -15.82 -13.15 -0.48
C MET B 189 -16.85 -13.14 0.66
N ALA B 190 -17.66 -12.06 0.68
CA ALA B 190 -18.80 -11.89 1.58
C ALA B 190 -18.44 -11.61 3.06
N PHE B 191 -17.21 -11.14 3.30
CA PHE B 191 -16.72 -10.78 4.64
C PHE B 191 -16.50 -9.26 4.76
N SER B 192 -17.41 -8.47 4.20
CA SER B 192 -17.19 -7.04 4.14
CA SER B 192 -17.29 -7.01 4.16
C SER B 192 -17.06 -6.41 5.54
N LEU B 193 -17.95 -6.76 6.50
CA LEU B 193 -17.91 -6.10 7.80
C LEU B 193 -16.66 -6.47 8.55
N TYR B 194 -16.32 -7.75 8.54
CA TYR B 194 -15.02 -8.19 9.08
C TYR B 194 -13.85 -7.41 8.48
N ASN B 195 -13.79 -7.33 7.14
CA ASN B 195 -12.69 -6.65 6.48
C ASN B 195 -12.67 -5.14 6.84
N MET B 196 -13.84 -4.50 6.92
CA MET B 196 -13.92 -3.12 7.30
C MET B 196 -13.34 -2.93 8.72
N GLY B 197 -13.66 -3.87 9.62
CA GLY B 197 -13.13 -3.83 10.98
C GLY B 197 -11.59 -3.94 11.01
N LYS B 198 -11.06 -4.90 10.25
CA LYS B 198 -9.61 -5.05 10.17
C LYS B 198 -8.91 -3.86 9.48
N HIS B 199 -9.51 -3.31 8.42
CA HIS B 199 -8.97 -2.05 7.86
C HIS B 199 -8.98 -0.90 8.88
N ALA B 200 -10.09 -0.76 9.62
CA ALA B 200 -10.17 0.23 10.67
C ALA B 200 -9.03 0.03 11.69
N LEU B 201 -8.70 -1.22 11.98
CA LEU B 201 -7.65 -1.53 12.93
C LEU B 201 -6.26 -1.10 12.43
N VAL B 202 -6.02 -1.20 11.12
CA VAL B 202 -4.79 -0.62 10.52
C VAL B 202 -4.74 0.90 10.75
N GLY B 203 -5.86 1.55 10.54
CA GLY B 203 -5.96 3.00 10.77
C GLY B 203 -5.69 3.38 12.21
N LEU B 204 -6.28 2.63 13.14
CA LEU B 204 -6.00 2.82 14.54
C LEU B 204 -4.52 2.66 14.87
N THR B 205 -3.92 1.57 14.37
CA THR B 205 -2.50 1.26 14.60
C THR B 205 -1.67 2.48 14.21
N GLN B 206 -1.95 3.02 13.04
CA GLN B 206 -1.23 4.18 12.54
C GLN B 206 -1.50 5.48 13.31
N SER B 207 -2.77 5.81 13.53
CA SER B 207 -3.17 7.01 14.19
C SER B 207 -2.68 7.02 15.65
N ALA B 208 -2.82 5.89 16.32
CA ALA B 208 -2.39 5.77 17.71
C ALA B 208 -0.86 5.81 17.81
N ALA B 209 -0.14 5.23 16.84
CA ALA B 209 1.34 5.34 16.86
C ALA B 209 1.79 6.78 16.83
N LEU B 210 1.19 7.54 15.92
CA LEU B 210 1.48 8.96 15.84
CA LEU B 210 1.46 8.96 15.80
C LEU B 210 1.14 9.74 17.08
N GLU B 211 -0.06 9.52 17.60
CA GLU B 211 -0.57 10.33 18.70
C GLU B 211 0.10 9.98 20.04
N LEU B 212 0.42 8.70 20.22
CA LEU B 212 0.98 8.19 21.46
C LEU B 212 2.51 8.20 21.55
N ALA B 213 3.17 8.43 20.42
CA ALA B 213 4.64 8.52 20.36
C ALA B 213 5.24 9.48 21.43
N PRO B 214 4.61 10.68 21.61
CA PRO B 214 5.14 11.62 22.65
C PRO B 214 5.10 11.09 24.09
N TYR B 215 4.21 10.13 24.35
CA TYR B 215 4.14 9.43 25.61
C TYR B 215 5.04 8.20 25.68
N GLY B 216 5.85 7.97 24.65
CA GLY B 216 6.67 6.78 24.57
C GLY B 216 5.95 5.43 24.47
N ILE B 217 4.70 5.47 23.99
CA ILE B 217 3.90 4.29 23.78
C ILE B 217 3.96 3.95 22.28
N ARG B 218 4.53 2.78 21.99
CA ARG B 218 4.65 2.29 20.61
C ARG B 218 3.38 1.53 20.26
N VAL B 219 2.95 1.59 19.01
CA VAL B 219 1.77 0.90 18.57
C VAL B 219 2.04 0.22 17.24
N ASN B 220 1.93 -1.10 17.20
CA ASN B 220 2.26 -1.92 16.06
C ASN B 220 1.24 -3.02 15.86
N GLY B 221 1.37 -3.72 14.75
CA GLY B 221 0.52 -4.81 14.37
C GLY B 221 1.25 -6.06 13.96
N VAL B 222 0.58 -7.20 14.16
CA VAL B 222 1.00 -8.47 13.60
C VAL B 222 -0.17 -8.94 12.72
N ALA B 223 0.13 -9.23 11.48
CA ALA B 223 -0.84 -9.62 10.46
C ALA B 223 -0.63 -11.08 10.00
N PRO B 224 -1.35 -12.04 10.62
CA PRO B 224 -1.27 -13.42 10.15
C PRO B 224 -1.95 -13.50 8.78
N GLY B 225 -1.53 -14.50 8.00
CA GLY B 225 -2.22 -14.89 6.77
C GLY B 225 -3.18 -15.99 7.15
N VAL B 226 -2.75 -17.25 7.01
CA VAL B 226 -3.51 -18.34 7.60
CA VAL B 226 -3.50 -18.37 7.56
C VAL B 226 -2.70 -18.93 8.75
N SER B 227 -3.30 -18.92 9.92
CA SER B 227 -2.75 -19.54 11.11
C SER B 227 -3.76 -20.62 11.52
N LEU B 228 -4.03 -20.80 12.81
CA LEU B 228 -4.91 -21.85 13.23
C LEU B 228 -6.25 -21.82 12.49
N LEU B 229 -6.58 -22.95 11.87
CA LEU B 229 -7.83 -23.07 11.17
C LEU B 229 -8.95 -23.45 12.16
N PRO B 230 -10.19 -23.22 11.77
CA PRO B 230 -11.29 -23.77 12.65
C PRO B 230 -11.21 -25.31 12.85
N VAL B 231 -11.36 -25.86 14.09
CA VAL B 231 -11.15 -27.35 14.30
C VAL B 231 -12.16 -28.19 13.51
N ALA B 232 -13.37 -27.66 13.43
CA ALA B 232 -14.44 -28.29 12.65
C ALA B 232 -14.33 -28.18 11.12
N MET B 233 -13.43 -27.34 10.61
CA MET B 233 -13.27 -27.18 9.18
C MET B 233 -12.77 -28.53 8.69
N GLY B 234 -13.35 -29.07 7.61
CA GLY B 234 -12.89 -30.35 7.10
C GLY B 234 -11.42 -30.27 6.67
N GLU B 235 -10.68 -31.39 6.77
CA GLU B 235 -9.28 -31.39 6.40
C GLU B 235 -9.13 -31.08 4.94
N GLU B 236 -10.13 -31.45 4.14
CA GLU B 236 -10.00 -31.19 2.72
C GLU B 236 -9.96 -29.64 2.47
N GLU B 237 -10.78 -28.90 3.20
CA GLU B 237 -10.80 -27.45 3.07
C GLU B 237 -9.51 -26.85 3.69
N LYS B 238 -9.10 -27.40 4.84
CA LYS B 238 -7.89 -26.92 5.50
C LYS B 238 -6.72 -27.05 4.57
N ASP B 239 -6.65 -28.21 3.88
CA ASP B 239 -5.52 -28.49 2.99
C ASP B 239 -5.53 -27.59 1.77
N LYS B 240 -6.71 -27.14 1.38
CA LYS B 240 -6.84 -26.16 0.31
CA LYS B 240 -6.83 -26.16 0.29
C LYS B 240 -6.11 -24.86 0.68
N TRP B 241 -6.29 -24.40 1.92
CA TRP B 241 -5.61 -23.20 2.40
C TRP B 241 -4.10 -23.46 2.54
N ARG B 242 -3.74 -24.56 3.18
CA ARG B 242 -2.34 -24.93 3.35
C ARG B 242 -1.54 -24.91 2.09
N ARG B 243 -2.10 -25.50 1.02
CA ARG B 243 -1.40 -25.62 -0.25
C ARG B 243 -1.08 -24.31 -0.95
N LYS B 244 -1.75 -23.26 -0.54
CA LYS B 244 -1.57 -21.89 -1.07
CA LYS B 244 -1.51 -21.95 -1.14
C LYS B 244 -0.33 -21.21 -0.51
N VAL B 245 0.15 -21.70 0.63
CA VAL B 245 1.17 -20.97 1.37
C VAL B 245 2.54 -21.31 0.78
N PRO B 246 3.25 -20.31 0.20
CA PRO B 246 4.56 -20.64 -0.40
C PRO B 246 5.57 -21.31 0.54
N LEU B 247 5.67 -20.78 1.77
CA LEU B 247 6.68 -21.21 2.70
C LEU B 247 6.17 -22.41 3.53
N GLY B 248 6.37 -23.59 2.96
CA GLY B 248 6.12 -24.83 3.69
C GLY B 248 4.73 -25.39 3.50
N ARG B 249 3.88 -24.76 2.68
CA ARG B 249 2.51 -25.30 2.44
C ARG B 249 1.82 -25.74 3.74
N ARG B 250 1.89 -24.85 4.71
CA ARG B 250 1.29 -25.04 6.02
C ARG B 250 0.84 -23.71 6.58
N GLU B 251 -0.12 -23.75 7.49
CA GLU B 251 -0.51 -22.59 8.29
C GLU B 251 0.52 -22.27 9.38
N ALA B 252 0.52 -21.00 9.80
CA ALA B 252 1.33 -20.56 10.97
C ALA B 252 0.80 -21.21 12.25
N SER B 253 1.70 -21.67 13.10
CA SER B 253 1.29 -22.02 14.45
C SER B 253 0.92 -20.76 15.19
N ALA B 254 0.16 -20.94 16.27
CA ALA B 254 -0.15 -19.80 17.15
C ALA B 254 1.16 -19.24 17.71
N GLU B 255 2.11 -20.13 17.98
CA GLU B 255 3.39 -19.75 18.63
C GLU B 255 4.21 -18.84 17.68
N GLN B 256 4.17 -19.13 16.38
CA GLN B 256 4.84 -18.32 15.39
C GLN B 256 4.24 -16.90 15.34
N ILE B 257 2.92 -16.79 15.44
CA ILE B 257 2.28 -15.48 15.53
C ILE B 257 2.76 -14.77 16.81
N ALA B 258 2.73 -15.51 17.93
CA ALA B 258 3.16 -14.98 19.22
C ALA B 258 4.60 -14.45 19.20
N ASP B 259 5.47 -15.12 18.43
CA ASP B 259 6.87 -14.75 18.34
C ASP B 259 7.01 -13.27 17.83
N ALA B 260 6.20 -12.92 16.84
CA ALA B 260 6.21 -11.55 16.29
C ALA B 260 5.70 -10.53 17.35
N VAL B 261 4.65 -10.90 18.08
CA VAL B 261 4.22 -10.05 19.18
C VAL B 261 5.37 -9.82 20.22
N ILE B 262 6.00 -10.92 20.66
CA ILE B 262 7.12 -10.83 21.56
C ILE B 262 8.24 -9.91 21.04
N PHE B 263 8.57 -10.00 19.77
CA PHE B 263 9.57 -9.08 19.21
C PHE B 263 9.11 -7.63 19.38
N LEU B 264 7.89 -7.36 18.95
CA LEU B 264 7.39 -5.99 18.99
C LEU B 264 7.28 -5.33 20.38
N VAL B 265 7.04 -6.11 21.43
CA VAL B 265 6.98 -5.56 22.78
C VAL B 265 8.37 -5.48 23.42
N SER B 266 9.36 -6.11 22.78
CA SER B 266 10.71 -6.15 23.29
C SER B 266 11.53 -4.89 23.10
N GLY B 267 12.68 -4.89 23.81
CA GLY B 267 13.67 -3.86 23.69
C GLY B 267 14.34 -3.85 22.32
N SER B 268 14.18 -4.94 21.55
CA SER B 268 14.75 -5.00 20.18
C SER B 268 13.91 -4.27 19.13
N ALA B 269 12.76 -3.73 19.57
CA ALA B 269 11.81 -3.02 18.74
C ALA B 269 11.54 -1.60 19.21
N GLN B 270 12.48 -1.04 19.96
CA GLN B 270 12.27 0.26 20.64
C GLN B 270 12.04 1.44 19.75
N TYR B 271 12.48 1.35 18.50
CA TYR B 271 12.28 2.39 17.51
C TYR B 271 11.14 2.14 16.56
N ILE B 272 10.47 1.00 16.75
CA ILE B 272 9.44 0.49 15.84
C ILE B 272 8.07 0.93 16.37
N THR B 273 7.44 1.78 15.59
CA THR B 273 6.06 2.17 15.87
C THR B 273 5.30 2.44 14.57
N GLY B 274 4.02 2.12 14.59
CA GLY B 274 3.18 2.21 13.39
C GLY B 274 3.47 1.16 12.31
N SER B 275 4.17 0.07 12.68
CA SER B 275 4.55 -0.99 11.72
C SER B 275 3.64 -2.19 11.92
N ILE B 276 3.24 -2.79 10.80
CA ILE B 276 2.44 -4.02 10.81
C ILE B 276 3.29 -5.10 10.17
N ILE B 277 3.67 -6.10 10.97
CA ILE B 277 4.50 -7.23 10.50
C ILE B 277 3.61 -8.38 9.99
N LYS B 278 3.66 -8.66 8.68
CA LYS B 278 3.00 -9.83 8.11
C LYS B 278 3.77 -11.06 8.61
N VAL B 279 3.02 -12.05 9.09
CA VAL B 279 3.55 -13.37 9.42
C VAL B 279 2.63 -14.37 8.62
N ASP B 280 2.90 -14.46 7.32
CA ASP B 280 2.00 -15.14 6.39
C ASP B 280 2.63 -16.16 5.47
N GLY B 281 3.92 -16.47 5.66
CA GLY B 281 4.54 -17.48 4.77
C GLY B 281 4.50 -17.17 3.26
N GLY B 282 4.38 -15.88 2.95
CA GLY B 282 4.21 -15.36 1.60
C GLY B 282 2.83 -15.45 0.99
N LEU B 283 1.84 -15.83 1.77
CA LEU B 283 0.48 -16.06 1.20
C LEU B 283 -0.08 -14.85 0.41
N SER B 284 0.11 -13.67 0.98
CA SER B 284 -0.39 -12.40 0.39
C SER B 284 0.28 -11.98 -0.90
N LEU B 285 1.44 -12.60 -1.23
CA LEU B 285 2.13 -12.38 -2.52
C LEU B 285 1.60 -13.21 -3.68
N VAL B 286 0.71 -14.16 -3.38
CA VAL B 286 0.29 -15.17 -4.34
C VAL B 286 -0.93 -14.64 -5.08
N HIS B 287 -0.81 -14.49 -6.39
CA HIS B 287 -1.93 -14.09 -7.24
C HIS B 287 -2.97 -15.20 -7.40
N ALA B 288 -4.19 -14.80 -7.74
CA ALA B 288 -5.27 -15.76 -7.98
C ALA B 288 -4.94 -16.70 -9.10
N GLU C 22 -0.81 24.36 -32.33
CA GLU C 22 -2.23 24.68 -31.95
C GLU C 22 -2.87 23.48 -31.26
N ALA C 23 -2.99 22.39 -32.01
CA ALA C 23 -3.37 21.09 -31.44
C ALA C 23 -2.25 20.60 -30.52
N PRO C 24 -2.60 19.97 -29.39
CA PRO C 24 -1.53 19.43 -28.55
C PRO C 24 -0.89 18.19 -29.27
N ALA C 25 0.28 17.78 -28.79
CA ALA C 25 1.05 16.69 -29.36
C ALA C 25 1.45 15.69 -28.27
N ALA C 26 1.45 14.40 -28.63
CA ALA C 26 1.77 13.33 -27.68
C ALA C 26 2.78 12.36 -28.27
N VAL C 27 3.67 11.85 -27.41
CA VAL C 27 4.54 10.74 -27.77
C VAL C 27 4.03 9.49 -27.04
N VAL C 28 3.84 8.42 -27.80
CA VAL C 28 3.48 7.09 -27.24
C VAL C 28 4.60 6.10 -27.59
N THR C 29 5.25 5.53 -26.59
CA THR C 29 6.26 4.52 -26.84
C THR C 29 5.61 3.16 -27.11
N GLY C 30 6.24 2.36 -27.97
CA GLY C 30 5.67 1.09 -28.39
C GLY C 30 4.25 1.18 -28.89
N ALA C 31 4.02 2.13 -29.81
CA ALA C 31 2.67 2.45 -30.25
C ALA C 31 2.18 1.69 -31.46
N ALA C 32 2.97 0.76 -32.01
CA ALA C 32 2.62 0.14 -33.30
C ALA C 32 1.49 -0.86 -33.16
N LYS C 33 1.42 -1.52 -31.99
CA LYS C 33 0.51 -2.62 -31.75
C LYS C 33 -0.18 -2.54 -30.38
N ARG C 34 -1.22 -3.37 -30.26
CA ARG C 34 -1.82 -3.67 -28.99
C ARG C 34 -2.19 -2.41 -28.17
N ILE C 35 -1.80 -2.34 -26.89
CA ILE C 35 -2.25 -1.26 -26.01
C ILE C 35 -1.76 0.09 -26.48
N GLY C 36 -0.46 0.14 -26.85
CA GLY C 36 0.11 1.37 -27.32
C GLY C 36 -0.60 1.89 -28.57
N ARG C 37 -0.97 1.00 -29.48
CA ARG C 37 -1.70 1.41 -30.67
C ARG C 37 -3.08 2.03 -30.31
N ALA C 38 -3.79 1.37 -29.42
CA ALA C 38 -5.09 1.86 -28.95
C ALA C 38 -4.98 3.26 -28.27
N ILE C 39 -3.92 3.45 -27.49
CA ILE C 39 -3.64 4.74 -26.87
C ILE C 39 -3.38 5.84 -27.90
N ALA C 40 -2.51 5.55 -28.87
CA ALA C 40 -2.22 6.50 -29.96
C ALA C 40 -3.50 6.85 -30.74
N VAL C 41 -4.29 5.83 -31.07
CA VAL C 41 -5.55 6.06 -31.76
C VAL C 41 -6.49 6.98 -30.98
N LYS C 42 -6.73 6.68 -29.70
CA LYS C 42 -7.62 7.52 -28.87
C LYS C 42 -7.10 8.94 -28.68
N LEU C 43 -5.80 9.09 -28.51
CA LEU C 43 -5.24 10.43 -28.35
C LEU C 43 -5.48 11.21 -29.65
N HIS C 44 -5.23 10.57 -30.78
CA HIS C 44 -5.50 11.18 -32.11
C HIS C 44 -6.99 11.54 -32.29
N GLN C 45 -7.87 10.62 -31.94
CA GLN C 45 -9.34 10.92 -31.98
C GLN C 45 -9.74 12.10 -31.09
N THR C 46 -9.04 12.26 -29.97
CA THR C 46 -9.21 13.37 -29.05
C THR C 46 -8.68 14.71 -29.60
N GLY C 47 -7.86 14.68 -30.66
CA GLY C 47 -7.39 15.88 -31.28
C GLY C 47 -5.88 16.08 -31.20
N TYR C 48 -5.17 15.14 -30.60
CA TYR C 48 -3.70 15.19 -30.53
C TYR C 48 -3.06 14.87 -31.87
N ARG C 49 -1.95 15.55 -32.14
CA ARG C 49 -0.93 15.02 -33.08
C ARG C 49 -0.09 13.98 -32.33
N VAL C 50 0.38 12.95 -33.03
CA VAL C 50 1.02 11.84 -32.36
C VAL C 50 2.36 11.43 -32.99
N VAL C 51 3.31 11.14 -32.09
CA VAL C 51 4.54 10.42 -32.46
C VAL C 51 4.38 8.98 -32.02
N ILE C 52 4.48 8.11 -33.02
CA ILE C 52 4.30 6.66 -32.88
C ILE C 52 5.70 6.08 -32.81
N HIS C 53 6.16 5.77 -31.60
CA HIS C 53 7.47 5.14 -31.43
C HIS C 53 7.35 3.61 -31.61
N TYR C 54 8.41 3.05 -32.19
CA TYR C 54 8.51 1.61 -32.42
C TYR C 54 9.97 1.19 -32.36
N HIS C 55 10.17 -0.12 -32.20
CA HIS C 55 11.49 -0.70 -32.18
C HIS C 55 11.57 -1.61 -33.39
N ASN C 56 10.88 -2.75 -33.35
CA ASN C 56 10.89 -3.74 -34.45
C ASN C 56 9.70 -3.63 -35.45
N SER C 57 8.62 -2.97 -35.05
CA SER C 57 7.34 -3.03 -35.82
C SER C 57 7.17 -1.85 -36.78
N ALA C 58 8.14 -1.67 -37.66
CA ALA C 58 8.10 -0.54 -38.62
C ALA C 58 6.86 -0.56 -39.51
N GLU C 59 6.53 -1.73 -40.06
CA GLU C 59 5.38 -1.89 -40.96
C GLU C 59 4.10 -1.42 -40.29
N ALA C 60 3.85 -1.93 -39.09
CA ALA C 60 2.65 -1.62 -38.31
C ALA C 60 2.66 -0.14 -37.89
N ALA C 61 3.83 0.37 -37.51
CA ALA C 61 3.94 1.80 -37.12
C ALA C 61 3.53 2.70 -38.30
N VAL C 62 4.07 2.45 -39.47
CA VAL C 62 3.73 3.22 -40.66
C VAL C 62 2.27 3.04 -41.05
N SER C 63 1.75 1.82 -40.94
CA SER C 63 0.34 1.58 -41.31
C SER C 63 -0.58 2.40 -40.43
N LEU C 64 -0.27 2.47 -39.13
CA LEU C 64 -1.01 3.30 -38.19
C LEU C 64 -0.91 4.78 -38.58
N ALA C 65 0.32 5.24 -38.81
CA ALA C 65 0.55 6.67 -39.19
C ALA C 65 -0.27 6.98 -40.43
N ASP C 66 -0.25 6.10 -41.41
CA ASP C 66 -1.04 6.30 -42.65
C ASP C 66 -2.54 6.46 -42.34
N GLU C 67 -3.05 5.62 -41.44
CA GLU C 67 -4.46 5.65 -41.05
C GLU C 67 -4.82 6.97 -40.39
N LEU C 68 -4.01 7.40 -39.44
CA LEU C 68 -4.25 8.65 -38.74
C LEU C 68 -4.12 9.89 -39.66
N ASN C 69 -3.10 9.87 -40.53
CA ASN C 69 -2.87 10.93 -41.51
C ASN C 69 -3.98 11.03 -42.59
N LYS C 70 -4.59 9.87 -42.91
CA LYS C 70 -5.78 9.86 -43.80
C LYS C 70 -6.94 10.63 -43.20
N GLU C 71 -7.08 10.52 -41.87
CA GLU C 71 -8.08 11.25 -41.09
C GLU C 71 -7.75 12.74 -41.02
N ARG C 72 -6.51 13.09 -40.67
CA ARG C 72 -6.07 14.51 -40.60
C ARG C 72 -4.62 14.57 -41.08
N SER C 73 -4.39 15.26 -42.19
CA SER C 73 -3.06 15.27 -42.79
CA SER C 73 -3.06 15.29 -42.79
C SER C 73 -1.98 15.80 -41.83
N ASN C 74 -0.80 15.17 -41.87
CA ASN C 74 0.37 15.59 -41.15
C ASN C 74 0.12 15.67 -39.62
N THR C 75 -0.59 14.70 -39.08
CA THR C 75 -0.86 14.69 -37.64
C THR C 75 -0.26 13.48 -36.96
N ALA C 76 0.42 12.64 -37.74
CA ALA C 76 1.09 11.47 -37.19
C ALA C 76 2.43 11.25 -37.87
N VAL C 77 3.42 11.03 -37.04
CA VAL C 77 4.77 10.66 -37.50
C VAL C 77 5.25 9.43 -36.71
N VAL C 78 6.27 8.73 -37.26
CA VAL C 78 6.87 7.63 -36.56
C VAL C 78 8.33 7.92 -36.12
N CYS C 79 8.78 7.11 -35.15
CA CYS C 79 10.10 7.30 -34.55
C CYS C 79 10.65 5.98 -34.06
N GLN C 80 11.75 5.54 -34.67
CA GLN C 80 12.33 4.28 -34.31
C GLN C 80 13.36 4.44 -33.18
N ALA C 81 13.32 3.53 -32.22
CA ALA C 81 14.38 3.42 -31.22
C ALA C 81 14.29 2.15 -30.38
N ASP C 82 15.47 1.64 -30.05
CA ASP C 82 15.63 0.56 -29.04
C ASP C 82 15.71 1.28 -27.69
N LEU C 83 14.89 0.83 -26.73
CA LEU C 83 14.83 1.40 -25.38
C LEU C 83 15.54 0.53 -24.31
N THR C 84 16.30 -0.45 -24.77
CA THR C 84 17.20 -1.24 -23.93
C THR C 84 18.21 -0.31 -23.32
N ASN C 85 18.55 -0.51 -22.06
CA ASN C 85 19.58 0.34 -21.45
C ASN C 85 20.91 0.10 -22.16
N SER C 86 21.63 1.21 -22.37
CA SER C 86 22.97 1.17 -22.97
C SER C 86 23.56 2.56 -22.82
N ASN C 87 24.81 2.65 -23.26
CA ASN C 87 25.49 3.92 -23.45
C ASN C 87 24.80 4.94 -24.33
N VAL C 88 23.97 4.50 -25.27
CA VAL C 88 23.33 5.40 -26.19
C VAL C 88 21.86 5.67 -25.84
N LEU C 89 21.32 5.04 -24.80
CA LEU C 89 19.89 5.23 -24.47
C LEU C 89 19.50 6.71 -24.19
N PRO C 90 20.31 7.43 -23.41
CA PRO C 90 19.96 8.84 -23.18
C PRO C 90 19.76 9.64 -24.47
N ALA C 91 20.65 9.45 -25.44
CA ALA C 91 20.58 10.15 -26.71
C ALA C 91 19.36 9.70 -27.48
N SER C 92 19.07 8.40 -27.43
CA SER C 92 17.89 7.86 -28.09
C SER C 92 16.64 8.50 -27.54
N CYS C 93 16.57 8.66 -26.21
CA CYS C 93 15.37 9.14 -25.59
C CYS C 93 15.20 10.62 -25.87
N GLU C 94 16.32 11.35 -25.84
CA GLU C 94 16.36 12.78 -26.23
C GLU C 94 15.82 12.94 -27.66
N GLU C 95 16.20 12.04 -28.55
CA GLU C 95 15.74 12.12 -29.95
C GLU C 95 14.25 11.83 -30.11
N ILE C 96 13.70 10.90 -29.34
CA ILE C 96 12.25 10.63 -29.37
C ILE C 96 11.50 11.91 -29.01
N ILE C 97 11.89 12.56 -27.91
CA ILE C 97 11.23 13.82 -27.50
C ILE C 97 11.42 14.91 -28.57
N ASN C 98 12.64 15.00 -29.09
CA ASN C 98 12.99 15.97 -30.13
C ASN C 98 12.15 15.73 -31.37
N SER C 99 11.88 14.48 -31.73
CA SER C 99 11.05 14.17 -32.90
CA SER C 99 11.05 14.19 -32.90
C SER C 99 9.67 14.83 -32.82
N CYS C 100 9.10 14.89 -31.61
CA CYS C 100 7.79 15.48 -31.40
C CYS C 100 7.86 17.00 -31.63
N PHE C 101 8.84 17.65 -31.02
CA PHE C 101 9.03 19.10 -31.21
C PHE C 101 9.30 19.46 -32.69
N ARG C 102 10.04 18.62 -33.39
CA ARG C 102 10.34 18.85 -34.80
C ARG C 102 9.11 18.76 -35.68
N ALA C 103 8.31 17.72 -35.44
CA ALA C 103 7.13 17.45 -36.26
C ALA C 103 6.07 18.47 -35.92
N PHE C 104 5.91 18.79 -34.63
CA PHE C 104 4.71 19.49 -34.20
C PHE C 104 4.93 20.79 -33.43
N GLY C 105 6.17 21.13 -33.10
CA GLY C 105 6.48 22.38 -32.40
C GLY C 105 6.21 22.40 -30.90
N ARG C 106 5.85 21.25 -30.34
CA ARG C 106 5.46 21.17 -28.96
C ARG C 106 5.39 19.68 -28.60
N CYS C 107 5.42 19.41 -27.28
CA CYS C 107 5.20 18.07 -26.71
C CYS C 107 4.48 18.18 -25.38
N ASP C 108 3.21 17.84 -25.39
CA ASP C 108 2.30 18.07 -24.27
C ASP C 108 2.11 16.81 -23.42
N VAL C 109 2.23 15.65 -24.05
CA VAL C 109 1.93 14.35 -23.42
C VAL C 109 3.01 13.33 -23.79
N LEU C 110 3.48 12.62 -22.79
CA LEU C 110 4.33 11.44 -22.93
C LEU C 110 3.65 10.22 -22.34
N VAL C 111 3.52 9.15 -23.13
CA VAL C 111 2.98 7.90 -22.62
C VAL C 111 4.10 6.84 -22.71
N ASN C 112 4.53 6.37 -21.54
CA ASN C 112 5.58 5.34 -21.40
C ASN C 112 4.88 3.98 -21.37
N ASN C 113 4.70 3.41 -22.58
CA ASN C 113 3.99 2.16 -22.82
C ASN C 113 4.91 0.98 -23.20
N ALA C 114 5.95 1.20 -24.00
CA ALA C 114 6.85 0.14 -24.41
C ALA C 114 7.39 -0.69 -23.25
N SER C 115 7.52 -2.01 -23.46
CA SER C 115 7.84 -2.89 -22.37
C SER C 115 8.30 -4.25 -22.87
N ALA C 116 9.44 -4.65 -22.33
CA ALA C 116 9.85 -6.03 -22.41
C ALA C 116 9.27 -6.83 -21.24
N PHE C 117 8.88 -8.08 -21.56
CA PHE C 117 8.22 -8.94 -20.62
C PHE C 117 8.58 -10.39 -20.90
N TYR C 118 9.30 -11.00 -19.97
CA TYR C 118 9.62 -12.39 -20.02
C TYR C 118 10.23 -12.85 -18.68
N PRO C 119 10.23 -14.14 -18.42
CA PRO C 119 10.79 -14.60 -17.13
C PRO C 119 12.33 -14.60 -17.04
N THR C 120 12.80 -14.49 -15.80
CA THR C 120 14.20 -14.49 -15.46
C THR C 120 14.28 -15.28 -14.15
N PRO C 121 14.28 -16.62 -14.24
CA PRO C 121 14.29 -17.41 -13.00
C PRO C 121 15.53 -17.10 -12.14
N LEU C 122 15.37 -17.15 -10.81
CA LEU C 122 16.52 -16.93 -9.92
C LEU C 122 17.47 -18.09 -9.83
N VAL C 123 16.96 -19.32 -10.01
CA VAL C 123 17.81 -20.49 -9.91
C VAL C 123 17.82 -21.25 -11.21
N GLN C 124 19.00 -21.75 -11.58
CA GLN C 124 19.20 -22.50 -12.83
CA GLN C 124 19.14 -22.48 -12.83
C GLN C 124 19.14 -24.00 -12.56
N GLY C 125 18.47 -24.74 -13.43
CA GLY C 125 18.32 -26.21 -13.27
C GLY C 125 19.61 -27.00 -13.40
N GLY C 133 20.83 -18.80 -24.50
CA GLY C 133 20.07 -17.58 -24.82
C GLY C 133 20.69 -16.27 -24.33
N LYS C 134 19.86 -15.33 -23.89
CA LYS C 134 20.35 -14.02 -23.40
C LYS C 134 21.13 -14.18 -22.10
N THR C 135 22.20 -13.39 -21.93
CA THR C 135 22.87 -13.29 -20.62
C THR C 135 21.99 -12.57 -19.62
N VAL C 136 22.26 -12.76 -18.33
CA VAL C 136 21.49 -12.05 -17.30
C VAL C 136 21.64 -10.52 -17.46
N GLU C 137 22.84 -10.05 -17.78
CA GLU C 137 23.00 -8.61 -17.98
C GLU C 137 22.27 -8.02 -19.19
N THR C 138 22.09 -8.78 -20.27
CA THR C 138 21.22 -8.35 -21.36
C THR C 138 19.77 -8.26 -20.87
N GLN C 139 19.39 -9.24 -20.04
CA GLN C 139 18.03 -9.27 -19.46
C GLN C 139 17.77 -8.05 -18.57
N VAL C 140 18.77 -7.70 -17.76
CA VAL C 140 18.69 -6.50 -16.95
C VAL C 140 18.51 -5.28 -17.87
N ALA C 141 19.35 -5.20 -18.90
CA ALA C 141 19.27 -4.03 -19.80
C ALA C 141 17.90 -3.92 -20.46
N GLU C 142 17.38 -5.04 -20.95
CA GLU C 142 16.10 -5.00 -21.63
C GLU C 142 14.93 -4.74 -20.66
N LEU C 143 14.85 -5.49 -19.57
CA LEU C 143 13.68 -5.42 -18.70
C LEU C 143 13.67 -4.15 -17.87
N ILE C 144 14.82 -3.79 -17.29
CA ILE C 144 14.93 -2.58 -16.50
C ILE C 144 15.02 -1.35 -17.42
N GLY C 145 15.64 -1.50 -18.59
CA GLY C 145 15.68 -0.45 -19.57
C GLY C 145 14.32 0.00 -20.07
N THR C 146 13.59 -0.93 -20.67
CA THR C 146 12.32 -0.58 -21.28
C THR C 146 11.30 -0.12 -20.23
N ASN C 147 11.25 -0.82 -19.09
CA ASN C 147 10.18 -0.58 -18.05
C ASN C 147 10.47 0.57 -17.08
N ALA C 148 11.75 1.02 -16.96
CA ALA C 148 12.13 2.00 -15.97
C ALA C 148 13.15 3.05 -16.45
N ILE C 149 14.29 2.61 -16.96
CA ILE C 149 15.34 3.59 -17.30
CA ILE C 149 15.33 3.59 -17.27
C ILE C 149 14.92 4.49 -18.46
N ALA C 150 14.37 3.89 -19.52
CA ALA C 150 13.91 4.68 -20.66
C ALA C 150 12.78 5.68 -20.23
N PRO C 151 11.77 5.21 -19.47
CA PRO C 151 10.81 6.15 -18.92
C PRO C 151 11.44 7.31 -18.12
N PHE C 152 12.49 7.02 -17.35
CA PHE C 152 13.19 8.06 -16.60
C PHE C 152 13.87 9.07 -17.57
N LEU C 153 14.60 8.54 -18.56
CA LEU C 153 15.33 9.39 -19.47
C LEU C 153 14.38 10.22 -20.35
N LEU C 154 13.27 9.61 -20.75
CA LEU C 154 12.23 10.30 -21.51
C LEU C 154 11.57 11.37 -20.69
N THR C 155 11.38 11.10 -19.40
CA THR C 155 10.77 12.06 -18.51
C THR C 155 11.71 13.28 -18.38
N MET C 156 13.00 13.02 -18.20
CA MET C 156 14.04 14.04 -18.13
C MET C 156 14.00 14.91 -19.39
N SER C 157 14.02 14.26 -20.55
CA SER C 157 14.07 15.04 -21.81
C SER C 157 12.79 15.84 -22.03
N PHE C 158 11.64 15.23 -21.69
CA PHE C 158 10.35 15.89 -21.81
C PHE C 158 10.30 17.15 -20.97
N ALA C 159 10.72 17.03 -19.72
CA ALA C 159 10.75 18.17 -18.78
C ALA C 159 11.74 19.24 -19.21
N GLN C 160 12.95 18.82 -19.58
CA GLN C 160 14.00 19.77 -19.95
CA GLN C 160 14.02 19.72 -20.01
C GLN C 160 13.54 20.64 -21.14
N ARG C 161 12.78 20.04 -22.08
CA ARG C 161 12.37 20.72 -23.31
C ARG C 161 11.20 21.67 -23.14
N GLN C 162 10.56 21.67 -21.97
CA GLN C 162 9.56 22.69 -21.66
C GLN C 162 10.32 23.89 -21.01
N SER C 172 -2.16 25.46 -21.23
CA SER C 172 -1.26 24.30 -21.16
C SER C 172 -1.72 23.21 -20.20
N ASN C 173 -1.61 21.96 -20.65
CA ASN C 173 -1.94 20.81 -19.82
C ASN C 173 -0.94 19.71 -20.11
N LEU C 174 0.23 19.84 -19.48
CA LEU C 174 1.32 18.91 -19.73
C LEU C 174 1.20 17.72 -18.77
N SER C 175 1.35 16.54 -19.30
CA SER C 175 1.37 15.33 -18.44
C SER C 175 2.07 14.14 -19.06
N ILE C 176 2.41 13.22 -18.17
CA ILE C 176 3.04 11.95 -18.50
C ILE C 176 2.18 10.83 -17.88
N VAL C 177 2.03 9.78 -18.65
CA VAL C 177 1.31 8.60 -18.14
C VAL C 177 2.20 7.40 -18.37
N ASN C 178 2.45 6.65 -17.30
CA ASN C 178 3.27 5.49 -17.25
C ASN C 178 2.37 4.29 -17.17
N LEU C 179 2.59 3.33 -18.08
CA LEU C 179 1.86 2.07 -18.04
C LEU C 179 2.54 1.12 -17.08
N CYS C 180 1.83 0.88 -15.98
CA CYS C 180 2.29 0.16 -14.81
C CYS C 180 1.68 -1.28 -14.87
N ASP C 181 1.36 -1.88 -13.72
CA ASP C 181 0.95 -3.30 -13.69
C ASP C 181 0.22 -3.50 -12.36
N ALA C 182 -1.07 -3.78 -12.46
CA ALA C 182 -1.89 -3.93 -11.25
C ALA C 182 -1.39 -5.06 -10.32
N MET C 183 -0.65 -6.00 -10.90
CA MET C 183 -0.18 -7.18 -10.17
C MET C 183 1.23 -7.05 -9.58
N VAL C 184 1.75 -5.84 -9.47
CA VAL C 184 3.10 -5.64 -8.95
C VAL C 184 3.36 -6.26 -7.57
N ASP C 185 2.33 -6.33 -6.73
CA ASP C 185 2.57 -6.88 -5.41
C ASP C 185 2.13 -8.33 -5.27
N GLN C 186 1.67 -8.93 -6.38
CA GLN C 186 1.33 -10.34 -6.46
C GLN C 186 1.90 -10.85 -7.75
N PRO C 187 3.22 -10.86 -7.82
CA PRO C 187 3.84 -10.99 -9.14
C PRO C 187 3.79 -12.44 -9.66
N CYS C 188 3.94 -12.57 -10.96
CA CYS C 188 4.09 -13.91 -11.53
C CYS C 188 5.43 -14.51 -11.11
N MET C 189 5.39 -15.81 -10.86
CA MET C 189 6.53 -16.62 -10.50
C MET C 189 7.61 -16.50 -11.57
N ALA C 190 8.83 -16.27 -11.10
CA ALA C 190 10.10 -16.22 -11.90
C ALA C 190 10.24 -14.97 -12.82
N PHE C 191 9.46 -13.94 -12.52
CA PHE C 191 9.49 -12.63 -13.24
C PHE C 191 10.16 -11.53 -12.41
N SER C 192 11.22 -11.87 -11.67
CA SER C 192 11.78 -10.88 -10.73
CA SER C 192 11.87 -10.90 -10.75
C SER C 192 12.28 -9.58 -11.42
N LEU C 193 13.06 -9.71 -12.49
CA LEU C 193 13.51 -8.53 -13.19
C LEU C 193 12.39 -7.66 -13.78
N TYR C 194 11.45 -8.28 -14.48
CA TYR C 194 10.27 -7.60 -14.97
C TYR C 194 9.58 -6.81 -13.80
N ASN C 195 9.31 -7.51 -12.71
CA ASN C 195 8.62 -6.94 -11.54
C ASN C 195 9.42 -5.78 -10.94
N MET C 196 10.72 -5.98 -10.87
CA MET C 196 11.61 -4.91 -10.38
C MET C 196 11.48 -3.66 -11.25
N GLY C 197 11.47 -3.86 -12.56
CA GLY C 197 11.30 -2.74 -13.53
C GLY C 197 9.99 -2.01 -13.29
N LYS C 198 8.91 -2.77 -13.15
CA LYS C 198 7.61 -2.14 -12.86
C LYS C 198 7.51 -1.43 -11.51
N HIS C 199 8.12 -2.01 -10.48
CA HIS C 199 8.24 -1.33 -9.22
C HIS C 199 9.04 -0.04 -9.37
N ALA C 200 10.17 -0.10 -10.09
CA ALA C 200 10.94 1.10 -10.33
C ALA C 200 10.06 2.15 -11.01
N LEU C 201 9.22 1.72 -11.94
CA LEU C 201 8.33 2.66 -12.66
C LEU C 201 7.30 3.36 -11.75
N VAL C 202 6.80 2.65 -10.76
CA VAL C 202 5.98 3.27 -9.70
C VAL C 202 6.76 4.37 -8.97
N GLY C 203 8.01 4.06 -8.57
CA GLY C 203 8.87 5.02 -7.93
C GLY C 203 9.11 6.24 -8.79
N LEU C 204 9.38 6.01 -10.07
CA LEU C 204 9.56 7.12 -11.01
C LEU C 204 8.30 7.99 -11.05
N THR C 205 7.16 7.34 -11.13
CA THR C 205 5.89 8.05 -11.26
C THR C 205 5.69 9.04 -10.10
N GLN C 206 5.98 8.55 -8.88
CA GLN C 206 5.78 9.30 -7.67
C GLN C 206 6.86 10.38 -7.56
N SER C 207 8.13 9.99 -7.78
CA SER C 207 9.22 10.93 -7.67
C SER C 207 9.12 12.08 -8.70
N ALA C 208 8.80 11.70 -9.94
CA ALA C 208 8.61 12.68 -11.00
C ALA C 208 7.38 13.57 -10.76
N ALA C 209 6.27 13.02 -10.25
CA ALA C 209 5.11 13.85 -9.88
C ALA C 209 5.50 14.93 -8.90
N LEU C 210 6.21 14.54 -7.86
CA LEU C 210 6.70 15.53 -6.89
C LEU C 210 7.57 16.66 -7.45
N GLU C 211 8.57 16.26 -8.22
CA GLU C 211 9.63 17.13 -8.70
C GLU C 211 9.14 18.00 -9.84
N LEU C 212 8.22 17.47 -10.64
CA LEU C 212 7.73 18.20 -11.82
C LEU C 212 6.44 19.02 -11.58
N ALA C 213 5.83 18.85 -10.43
CA ALA C 213 4.64 19.62 -10.02
C ALA C 213 4.80 21.14 -10.15
N PRO C 214 5.96 21.72 -9.73
CA PRO C 214 6.28 23.13 -9.89
C PRO C 214 6.30 23.63 -11.34
N TYR C 215 6.60 22.74 -12.29
CA TYR C 215 6.55 23.05 -13.70
C TYR C 215 5.17 22.86 -14.35
N GLY C 216 4.18 22.45 -13.56
CA GLY C 216 2.84 22.13 -14.06
C GLY C 216 2.76 20.85 -14.87
N ILE C 217 3.74 19.98 -14.71
CA ILE C 217 3.73 18.70 -15.39
C ILE C 217 3.22 17.63 -14.41
N ARG C 218 2.09 17.05 -14.75
CA ARG C 218 1.48 15.98 -13.95
C ARG C 218 2.09 14.66 -14.41
N VAL C 219 2.20 13.70 -13.50
CA VAL C 219 2.79 12.40 -13.78
C VAL C 219 1.97 11.31 -13.05
N ASN C 220 1.35 10.41 -13.81
CA ASN C 220 0.39 9.42 -13.34
C ASN C 220 0.62 8.11 -14.04
N GLY C 221 -0.04 7.06 -13.56
CA GLY C 221 0.05 5.76 -14.15
C GLY C 221 -1.29 5.13 -14.37
N VAL C 222 -1.30 4.19 -15.32
CA VAL C 222 -2.38 3.28 -15.56
C VAL C 222 -1.83 1.87 -15.39
N ALA C 223 -2.48 1.12 -14.51
CA ALA C 223 -2.08 -0.22 -14.11
C ALA C 223 -3.09 -1.31 -14.59
N PRO C 224 -2.86 -1.90 -15.81
CA PRO C 224 -3.71 -2.97 -16.27
C PRO C 224 -3.54 -4.22 -15.41
N GLY C 225 -4.58 -5.04 -15.36
CA GLY C 225 -4.48 -6.37 -14.73
C GLY C 225 -4.17 -7.37 -15.83
N VAL C 226 -5.22 -7.98 -16.37
CA VAL C 226 -5.12 -8.70 -17.63
C VAL C 226 -5.86 -7.90 -18.72
N SER C 227 -5.08 -7.45 -19.69
CA SER C 227 -5.60 -6.88 -20.93
C SER C 227 -5.23 -7.88 -22.04
N LEU C 228 -4.81 -7.38 -23.20
CA LEU C 228 -4.53 -8.21 -24.34
C LEU C 228 -3.49 -9.28 -23.97
N LEU C 229 -3.89 -10.54 -24.14
CA LEU C 229 -3.05 -11.65 -23.77
C LEU C 229 -1.94 -11.82 -24.82
N PRO C 230 -0.84 -12.44 -24.42
CA PRO C 230 0.26 -12.53 -25.39
C PRO C 230 -0.18 -13.38 -26.61
N VAL C 231 0.28 -12.99 -27.80
CA VAL C 231 -0.13 -13.68 -29.02
C VAL C 231 0.32 -15.15 -28.99
N ALA C 232 1.46 -15.42 -28.35
CA ALA C 232 2.01 -16.78 -28.23
C ALA C 232 1.36 -17.61 -27.12
N MET C 233 0.48 -17.02 -26.32
CA MET C 233 -0.23 -17.78 -25.30
C MET C 233 -1.33 -18.65 -25.93
N GLY C 234 -1.41 -19.91 -25.50
CA GLY C 234 -2.41 -20.83 -26.00
C GLY C 234 -3.75 -20.47 -25.37
N GLU C 235 -4.81 -20.83 -26.10
CA GLU C 235 -6.20 -20.44 -25.76
C GLU C 235 -6.66 -20.97 -24.43
N GLU C 236 -6.20 -22.17 -24.08
CA GLU C 236 -6.51 -22.73 -22.78
C GLU C 236 -5.97 -21.85 -21.62
N GLU C 237 -4.71 -21.41 -21.71
CA GLU C 237 -4.11 -20.54 -20.71
CA GLU C 237 -4.14 -20.57 -20.67
C GLU C 237 -4.83 -19.20 -20.70
N LYS C 238 -5.20 -18.71 -21.89
CA LYS C 238 -5.91 -17.42 -21.97
C LYS C 238 -7.18 -17.50 -21.15
N ASP C 239 -7.96 -18.56 -21.35
CA ASP C 239 -9.23 -18.70 -20.63
C ASP C 239 -9.06 -18.85 -19.11
N LYS C 240 -7.94 -19.46 -18.70
CA LYS C 240 -7.60 -19.62 -17.30
C LYS C 240 -7.45 -18.22 -16.68
N TRP C 241 -6.71 -17.34 -17.35
CA TRP C 241 -6.57 -15.92 -16.86
C TRP C 241 -7.92 -15.16 -16.87
N ARG C 242 -8.67 -15.32 -17.97
CA ARG C 242 -9.99 -14.67 -18.09
C ARG C 242 -10.88 -15.01 -16.93
N ARG C 243 -10.88 -16.29 -16.54
CA ARG C 243 -11.84 -16.77 -15.53
CA ARG C 243 -11.80 -16.83 -15.51
C ARG C 243 -11.53 -16.24 -14.13
N LYS C 244 -10.33 -15.73 -13.93
CA LYS C 244 -9.87 -15.13 -12.65
CA LYS C 244 -10.02 -15.19 -12.60
C LYS C 244 -10.49 -13.73 -12.43
N VAL C 245 -10.96 -13.09 -13.51
CA VAL C 245 -11.34 -11.68 -13.43
C VAL C 245 -12.76 -11.49 -12.90
N PRO C 246 -12.92 -10.90 -11.69
CA PRO C 246 -14.30 -10.78 -11.16
C PRO C 246 -15.31 -10.06 -12.05
N LEU C 247 -14.88 -8.96 -12.65
CA LEU C 247 -15.76 -8.14 -13.44
C LEU C 247 -15.80 -8.62 -14.89
N GLY C 248 -16.71 -9.56 -15.12
CA GLY C 248 -17.01 -10.06 -16.48
C GLY C 248 -16.19 -11.27 -16.94
N ARG C 249 -15.26 -11.72 -16.13
CA ARG C 249 -14.49 -12.94 -16.45
C ARG C 249 -13.84 -12.85 -17.84
N ARG C 250 -13.25 -11.69 -18.10
CA ARG C 250 -12.59 -11.42 -19.36
C ARG C 250 -11.56 -10.38 -19.17
N GLU C 251 -10.68 -10.31 -20.16
CA GLU C 251 -9.57 -9.40 -20.12
C GLU C 251 -10.05 -8.02 -20.58
N ALA C 252 -9.31 -6.98 -20.17
CA ALA C 252 -9.56 -5.59 -20.63
C ALA C 252 -9.23 -5.47 -22.12
N SER C 253 -10.10 -4.82 -22.88
CA SER C 253 -9.72 -4.39 -24.22
C SER C 253 -8.62 -3.33 -24.14
N ALA C 254 -7.91 -3.19 -25.24
CA ALA C 254 -6.86 -2.16 -25.28
C ALA C 254 -7.52 -0.77 -25.17
N GLU C 255 -8.75 -0.66 -25.73
CA GLU C 255 -9.52 0.58 -25.67
C GLU C 255 -9.83 1.01 -24.23
N GLN C 256 -10.12 0.02 -23.37
CA GLN C 256 -10.47 0.29 -21.98
C GLN C 256 -9.27 0.79 -21.23
N ILE C 257 -8.08 0.25 -21.51
CA ILE C 257 -6.84 0.83 -20.97
C ILE C 257 -6.60 2.24 -21.44
N ALA C 258 -6.78 2.46 -22.76
CA ALA C 258 -6.61 3.78 -23.37
C ALA C 258 -7.55 4.83 -22.76
N ASP C 259 -8.76 4.42 -22.44
CA ASP C 259 -9.75 5.31 -21.79
C ASP C 259 -9.17 5.96 -20.53
N ALA C 260 -8.43 5.17 -19.71
CA ALA C 260 -7.88 5.69 -18.46
C ALA C 260 -6.75 6.68 -18.75
N VAL C 261 -5.95 6.34 -19.75
CA VAL C 261 -4.95 7.27 -20.21
C VAL C 261 -5.57 8.62 -20.65
N ILE C 262 -6.59 8.55 -21.51
CA ILE C 262 -7.32 9.73 -21.99
C ILE C 262 -7.88 10.58 -20.84
N PHE C 263 -8.43 9.91 -19.83
CA PHE C 263 -8.88 10.66 -18.65
C PHE C 263 -7.72 11.42 -17.99
N LEU C 264 -6.61 10.71 -17.76
CA LEU C 264 -5.47 11.27 -17.04
C LEU C 264 -4.82 12.46 -17.77
N VAL C 265 -4.79 12.43 -19.10
CA VAL C 265 -4.23 13.55 -19.83
C VAL C 265 -5.20 14.73 -20.00
N SER C 266 -6.50 14.49 -19.73
CA SER C 266 -7.56 15.48 -19.91
C SER C 266 -7.60 16.61 -18.88
N GLY C 267 -8.41 17.63 -19.21
CA GLY C 267 -8.75 18.72 -18.29
C GLY C 267 -9.49 18.23 -17.05
N SER C 268 -10.16 17.06 -17.16
CA SER C 268 -10.86 16.43 -16.00
C SER C 268 -9.97 15.86 -14.93
N ALA C 269 -8.65 15.87 -15.18
CA ALA C 269 -7.68 15.33 -14.24
C ALA C 269 -6.62 16.36 -13.88
N GLN C 270 -6.95 17.65 -14.01
CA GLN C 270 -5.93 18.69 -13.83
C GLN C 270 -5.31 18.81 -12.40
N TYR C 271 -5.97 18.24 -11.39
CA TYR C 271 -5.46 18.21 -10.04
C TYR C 271 -4.81 16.83 -9.67
N ILE C 272 -4.81 15.87 -10.62
CA ILE C 272 -4.37 14.53 -10.34
C ILE C 272 -2.90 14.41 -10.76
N THR C 273 -2.05 14.12 -9.80
CA THR C 273 -0.67 13.80 -10.08
C THR C 273 -0.16 12.79 -9.05
N GLY C 274 0.73 11.90 -9.48
CA GLY C 274 1.26 10.85 -8.61
C GLY C 274 0.26 9.71 -8.38
N SER C 275 -0.82 9.68 -9.16
CA SER C 275 -1.87 8.69 -9.03
C SER C 275 -1.69 7.60 -10.06
N ILE C 276 -1.92 6.36 -9.60
CA ILE C 276 -1.90 5.18 -10.46
C ILE C 276 -3.26 4.51 -10.42
N ILE C 277 -3.93 4.53 -11.58
CA ILE C 277 -5.31 4.04 -11.68
C ILE C 277 -5.27 2.57 -12.14
N LYS C 278 -5.72 1.63 -11.27
CA LYS C 278 -5.86 0.24 -11.68
C LYS C 278 -7.02 0.15 -12.65
N VAL C 279 -6.79 -0.62 -13.72
CA VAL C 279 -7.85 -0.92 -14.71
C VAL C 279 -7.77 -2.44 -14.85
N ASP C 280 -8.31 -3.14 -13.85
CA ASP C 280 -8.09 -4.58 -13.69
C ASP C 280 -9.33 -5.43 -13.42
N GLY C 281 -10.54 -4.83 -13.46
CA GLY C 281 -11.78 -5.58 -13.22
C GLY C 281 -11.81 -6.35 -11.91
N GLY C 282 -11.07 -5.83 -10.94
CA GLY C 282 -10.91 -6.45 -9.61
C GLY C 282 -9.90 -7.57 -9.45
N LEU C 283 -9.11 -7.86 -10.48
CA LEU C 283 -8.22 -9.04 -10.45
C LEU C 283 -7.26 -8.96 -9.23
N SER C 284 -6.72 -7.80 -8.98
CA SER C 284 -5.73 -7.60 -7.90
C SER C 284 -6.31 -7.85 -6.48
N LEU C 285 -7.64 -7.79 -6.35
CA LEU C 285 -8.33 -8.02 -5.08
C LEU C 285 -8.58 -9.49 -4.76
N VAL C 286 -8.29 -10.38 -5.73
CA VAL C 286 -8.63 -11.77 -5.62
C VAL C 286 -7.53 -12.60 -4.92
N HIS C 287 -7.84 -13.21 -3.79
CA HIS C 287 -6.80 -13.97 -3.07
C HIS C 287 -6.46 -15.28 -3.79
N ALA C 288 -5.27 -15.81 -3.48
CA ALA C 288 -4.83 -17.16 -3.96
C ALA C 288 -5.92 -18.22 -3.82
N GLU D 22 -34.34 6.55 -21.46
CA GLU D 22 -34.63 7.34 -20.22
C GLU D 22 -33.40 7.53 -19.34
N ALA D 23 -33.52 8.49 -18.42
CA ALA D 23 -32.36 9.00 -17.75
C ALA D 23 -32.04 8.14 -16.53
N PRO D 24 -30.75 7.88 -16.29
CA PRO D 24 -30.40 7.16 -15.08
C PRO D 24 -30.53 8.04 -13.85
N ALA D 25 -30.48 7.39 -12.69
CA ALA D 25 -30.69 8.11 -11.44
C ALA D 25 -29.56 7.82 -10.47
N ALA D 26 -29.16 8.83 -9.72
CA ALA D 26 -28.08 8.77 -8.73
C ALA D 26 -28.53 9.30 -7.36
N VAL D 27 -28.03 8.68 -6.31
CA VAL D 27 -28.13 9.14 -4.94
C VAL D 27 -26.76 9.68 -4.55
N VAL D 28 -26.76 10.91 -4.04
CA VAL D 28 -25.51 11.47 -3.48
C VAL D 28 -25.82 11.87 -2.04
N THR D 29 -25.04 11.31 -1.11
CA THR D 29 -25.22 11.63 0.29
C THR D 29 -24.47 12.90 0.61
N GLY D 30 -25.01 13.65 1.55
CA GLY D 30 -24.44 14.88 1.98
C GLY D 30 -24.26 15.86 0.82
N ALA D 31 -25.30 15.97 0.01
CA ALA D 31 -25.25 16.66 -1.31
C ALA D 31 -25.62 18.16 -1.28
N ALA D 32 -25.98 18.72 -0.10
CA ALA D 32 -26.50 20.10 -0.07
C ALA D 32 -25.44 21.14 -0.31
N LYS D 33 -24.22 20.81 0.09
CA LYS D 33 -23.12 21.76 0.15
CA LYS D 33 -23.13 21.77 0.12
C LYS D 33 -21.84 21.15 -0.38
N ARG D 34 -20.92 22.03 -0.74
CA ARG D 34 -19.51 21.67 -0.89
C ARG D 34 -19.28 20.59 -1.94
N ILE D 35 -18.49 19.58 -1.61
CA ILE D 35 -18.13 18.52 -2.57
C ILE D 35 -19.35 17.74 -3.05
N GLY D 36 -20.21 17.36 -2.09
CA GLY D 36 -21.40 16.59 -2.46
C GLY D 36 -22.30 17.35 -3.43
N ARG D 37 -22.42 18.67 -3.21
CA ARG D 37 -23.21 19.55 -4.07
C ARG D 37 -22.61 19.57 -5.47
N ALA D 38 -21.29 19.74 -5.57
CA ALA D 38 -20.68 19.75 -6.89
C ALA D 38 -20.82 18.44 -7.62
N ILE D 39 -20.76 17.32 -6.88
CA ILE D 39 -21.02 16.03 -7.46
C ILE D 39 -22.45 15.89 -8.00
N ALA D 40 -23.44 16.27 -7.22
CA ALA D 40 -24.82 16.22 -7.64
C ALA D 40 -24.98 17.08 -8.91
N VAL D 41 -24.50 18.33 -8.86
CA VAL D 41 -24.57 19.21 -10.02
C VAL D 41 -23.94 18.62 -11.29
N LYS D 42 -22.76 18.00 -11.17
CA LYS D 42 -22.06 17.50 -12.34
C LYS D 42 -22.78 16.23 -12.86
N LEU D 43 -23.26 15.36 -11.95
CA LEU D 43 -24.08 14.21 -12.38
C LEU D 43 -25.33 14.69 -13.12
N HIS D 44 -25.96 15.74 -12.58
CA HIS D 44 -27.16 16.27 -13.21
C HIS D 44 -26.85 16.83 -14.63
N GLN D 45 -25.77 17.60 -14.74
CA GLN D 45 -25.30 18.10 -16.06
C GLN D 45 -24.95 16.99 -17.04
N THR D 46 -24.54 15.84 -16.53
CA THR D 46 -24.25 14.67 -17.32
C THR D 46 -25.53 13.92 -17.79
N GLY D 47 -26.70 14.26 -17.23
CA GLY D 47 -27.99 13.66 -17.63
C GLY D 47 -28.67 12.79 -16.56
N TYR D 48 -28.06 12.66 -15.37
CA TYR D 48 -28.68 11.94 -14.25
C TYR D 48 -29.79 12.73 -13.57
N ARG D 49 -30.78 11.98 -13.10
CA ARG D 49 -31.73 12.48 -12.12
CA ARG D 49 -31.73 12.48 -12.11
C ARG D 49 -31.08 12.22 -10.76
N VAL D 50 -31.30 13.09 -9.78
CA VAL D 50 -30.54 13.01 -8.53
CA VAL D 50 -30.52 13.06 -8.53
C VAL D 50 -31.41 13.08 -7.28
N VAL D 51 -31.11 12.16 -6.35
CA VAL D 51 -31.54 12.26 -4.96
C VAL D 51 -30.45 12.99 -4.14
N ILE D 52 -30.82 14.15 -3.63
CA ILE D 52 -29.97 15.05 -2.86
C ILE D 52 -30.22 14.69 -1.39
N HIS D 53 -29.43 13.74 -0.88
CA HIS D 53 -29.51 13.47 0.52
C HIS D 53 -28.87 14.61 1.36
N TYR D 54 -29.46 14.90 2.55
CA TYR D 54 -28.94 15.87 3.47
C TYR D 54 -29.35 15.45 4.88
N HIS D 55 -28.70 16.04 5.86
CA HIS D 55 -29.02 15.83 7.28
C HIS D 55 -29.59 17.13 7.87
N ASN D 56 -28.74 18.12 8.13
CA ASN D 56 -29.15 19.42 8.71
C ASN D 56 -29.37 20.53 7.68
N SER D 57 -28.84 20.39 6.46
CA SER D 57 -28.84 21.49 5.51
C SER D 57 -30.05 21.50 4.60
N ALA D 58 -31.22 21.65 5.23
CA ALA D 58 -32.51 21.51 4.52
C ALA D 58 -32.73 22.60 3.47
N GLU D 59 -32.43 23.82 3.87
CA GLU D 59 -32.54 25.01 3.04
CA GLU D 59 -32.58 24.98 3.00
C GLU D 59 -31.66 24.92 1.78
N ALA D 60 -30.38 24.60 1.99
CA ALA D 60 -29.45 24.37 0.86
C ALA D 60 -29.87 23.20 -0.04
N ALA D 61 -30.35 22.12 0.55
CA ALA D 61 -30.78 20.95 -0.22
C ALA D 61 -31.96 21.28 -1.13
N VAL D 62 -32.99 21.88 -0.55
CA VAL D 62 -34.20 22.30 -1.28
C VAL D 62 -33.82 23.34 -2.37
N SER D 63 -32.91 24.26 -2.04
CA SER D 63 -32.41 25.21 -3.01
C SER D 63 -31.73 24.57 -4.21
N LEU D 64 -30.91 23.59 -3.93
CA LEU D 64 -30.24 22.87 -5.02
C LEU D 64 -31.27 22.10 -5.88
N ALA D 65 -32.21 21.42 -5.22
CA ALA D 65 -33.23 20.67 -5.96
C ALA D 65 -33.97 21.62 -6.91
N ASP D 66 -34.30 22.81 -6.41
CA ASP D 66 -34.97 23.89 -7.17
CA ASP D 66 -35.00 23.81 -7.20
C ASP D 66 -34.17 24.27 -8.40
N GLU D 67 -32.88 24.51 -8.22
CA GLU D 67 -32.05 24.90 -9.34
CA GLU D 67 -32.00 24.89 -9.33
C GLU D 67 -31.99 23.80 -10.41
N LEU D 68 -31.80 22.56 -9.99
CA LEU D 68 -31.70 21.46 -10.94
C LEU D 68 -33.05 21.23 -11.65
N ASN D 69 -34.15 21.32 -10.91
CA ASN D 69 -35.50 21.13 -11.51
C ASN D 69 -35.88 22.25 -12.49
N LYS D 70 -35.33 23.42 -12.25
CA LYS D 70 -35.51 24.55 -13.15
C LYS D 70 -34.85 24.22 -14.50
N GLU D 71 -33.72 23.50 -14.43
CA GLU D 71 -33.00 23.07 -15.64
C GLU D 71 -33.73 21.95 -16.42
N ARG D 72 -34.17 20.92 -15.70
CA ARG D 72 -35.00 19.89 -16.27
C ARG D 72 -36.01 19.50 -15.21
N SER D 73 -37.30 19.70 -15.51
CA SER D 73 -38.35 19.42 -14.52
C SER D 73 -38.34 17.95 -14.10
N ASN D 74 -38.60 17.73 -12.82
CA ASN D 74 -38.74 16.38 -12.25
C ASN D 74 -37.45 15.55 -12.33
N THR D 75 -36.31 16.19 -12.10
CA THR D 75 -35.03 15.48 -12.13
C THR D 75 -34.24 15.51 -10.82
N ALA D 76 -34.82 16.04 -9.77
CA ALA D 76 -34.15 16.18 -8.48
C ALA D 76 -35.16 16.14 -7.37
N VAL D 77 -34.83 15.39 -6.33
CA VAL D 77 -35.61 15.38 -5.09
C VAL D 77 -34.60 15.42 -3.93
N VAL D 78 -35.05 15.89 -2.77
CA VAL D 78 -34.25 15.81 -1.56
C VAL D 78 -34.71 14.63 -0.71
N CYS D 79 -33.81 14.17 0.13
CA CYS D 79 -34.10 13.07 1.05
C CYS D 79 -33.32 13.32 2.34
N GLN D 80 -34.03 13.51 3.46
CA GLN D 80 -33.38 13.82 4.74
C GLN D 80 -33.05 12.53 5.51
N ALA D 81 -31.84 12.45 6.07
CA ALA D 81 -31.52 11.37 6.99
C ALA D 81 -30.26 11.63 7.81
N ASP D 82 -30.34 11.24 9.06
CA ASP D 82 -29.14 11.09 9.90
C ASP D 82 -28.46 9.76 9.60
N LEU D 83 -27.18 9.82 9.26
CA LEU D 83 -26.36 8.63 8.95
C LEU D 83 -25.41 8.18 10.11
N THR D 84 -25.62 8.74 11.30
CA THR D 84 -25.00 8.23 12.53
C THR D 84 -25.39 6.75 12.73
N ASN D 85 -24.44 5.96 13.22
CA ASN D 85 -24.72 4.55 13.48
C ASN D 85 -25.77 4.44 14.61
N SER D 86 -26.72 3.55 14.40
CA SER D 86 -27.71 3.22 15.43
C SER D 86 -28.46 2.00 14.93
N ASN D 87 -29.38 1.51 15.76
CA ASN D 87 -30.21 0.35 15.34
C ASN D 87 -31.20 0.64 14.23
N VAL D 88 -31.45 1.92 13.96
CA VAL D 88 -32.32 2.31 12.87
C VAL D 88 -31.58 2.72 11.60
N LEU D 89 -30.23 2.74 11.66
CA LEU D 89 -29.48 3.13 10.49
C LEU D 89 -29.79 2.25 9.24
N PRO D 90 -29.90 0.90 9.39
CA PRO D 90 -30.26 0.10 8.22
C PRO D 90 -31.56 0.57 7.58
N ALA D 91 -32.60 0.78 8.40
CA ALA D 91 -33.86 1.31 7.88
C ALA D 91 -33.70 2.65 7.17
N SER D 92 -32.93 3.58 7.75
CA SER D 92 -32.71 4.88 7.11
C SER D 92 -32.00 4.77 5.76
N CYS D 93 -31.02 3.88 5.70
CA CYS D 93 -30.30 3.64 4.46
C CYS D 93 -31.20 3.00 3.40
N GLU D 94 -31.94 1.99 3.80
CA GLU D 94 -32.94 1.39 2.91
C GLU D 94 -33.91 2.47 2.35
N GLU D 95 -34.32 3.40 3.22
CA GLU D 95 -35.23 4.47 2.85
C GLU D 95 -34.63 5.43 1.85
N ILE D 96 -33.32 5.72 1.94
CA ILE D 96 -32.65 6.56 0.94
C ILE D 96 -32.69 5.96 -0.46
N ILE D 97 -32.39 4.68 -0.53
CA ILE D 97 -32.42 3.95 -1.80
C ILE D 97 -33.86 3.88 -2.28
N ASN D 98 -34.80 3.59 -1.38
CA ASN D 98 -36.21 3.52 -1.73
C ASN D 98 -36.68 4.87 -2.30
N SER D 99 -36.15 5.95 -1.77
CA SER D 99 -36.55 7.30 -2.22
C SER D 99 -36.13 7.57 -3.68
N CYS D 100 -34.98 7.02 -4.07
CA CYS D 100 -34.54 7.10 -5.45
C CYS D 100 -35.50 6.30 -6.36
N PHE D 101 -35.87 5.08 -5.95
CA PHE D 101 -36.85 4.30 -6.73
C PHE D 101 -38.24 4.96 -6.77
N ARG D 102 -38.63 5.57 -5.65
CA ARG D 102 -39.93 6.19 -5.57
C ARG D 102 -39.99 7.34 -6.57
N ALA D 103 -38.95 8.17 -6.58
CA ALA D 103 -38.91 9.35 -7.44
C ALA D 103 -38.72 9.01 -8.93
N PHE D 104 -37.80 8.09 -9.21
CA PHE D 104 -37.27 7.90 -10.55
C PHE D 104 -37.41 6.50 -11.17
N GLY D 105 -37.83 5.51 -10.37
CA GLY D 105 -38.08 4.15 -10.84
C GLY D 105 -36.83 3.27 -11.01
N ARG D 106 -35.68 3.77 -10.55
CA ARG D 106 -34.37 3.12 -10.80
C ARG D 106 -33.34 3.80 -9.89
N CYS D 107 -32.20 3.15 -9.70
CA CYS D 107 -31.10 3.74 -8.97
C CYS D 107 -29.81 3.18 -9.57
N ASP D 108 -29.11 3.98 -10.39
CA ASP D 108 -27.94 3.50 -11.13
C ASP D 108 -26.60 3.75 -10.44
N VAL D 109 -26.56 4.84 -9.68
CA VAL D 109 -25.32 5.35 -9.08
C VAL D 109 -25.57 5.70 -7.62
N LEU D 110 -24.67 5.26 -6.73
CA LEU D 110 -24.63 5.69 -5.33
C LEU D 110 -23.28 6.36 -5.07
N VAL D 111 -23.30 7.58 -4.56
CA VAL D 111 -22.10 8.27 -4.17
C VAL D 111 -22.13 8.50 -2.64
N ASN D 112 -21.24 7.80 -1.95
CA ASN D 112 -21.10 7.91 -0.49
C ASN D 112 -20.13 9.03 -0.13
N ASN D 113 -20.69 10.19 0.10
CA ASN D 113 -19.96 11.46 0.32
C ASN D 113 -20.12 12.02 1.71
N ALA D 114 -21.31 11.90 2.29
CA ALA D 114 -21.55 12.41 3.66
C ALA D 114 -20.52 11.91 4.68
N SER D 115 -20.08 12.83 5.54
CA SER D 115 -18.96 12.51 6.43
C SER D 115 -18.94 13.47 7.65
N ALA D 116 -18.86 12.86 8.83
CA ALA D 116 -18.50 13.55 10.03
C ALA D 116 -17.00 13.60 10.18
N PHE D 117 -16.49 14.74 10.69
CA PHE D 117 -15.07 14.99 10.69
C PHE D 117 -14.70 15.90 11.84
N TYR D 118 -14.10 15.34 12.87
CA TYR D 118 -13.66 16.15 14.02
C TYR D 118 -12.69 15.33 14.85
N PRO D 119 -11.86 16.00 15.66
CA PRO D 119 -10.92 15.23 16.49
C PRO D 119 -11.55 14.44 17.65
N THR D 120 -10.88 13.35 17.99
CA THR D 120 -11.25 12.46 19.08
C THR D 120 -9.93 12.03 19.73
N PRO D 121 -9.33 12.92 20.54
CA PRO D 121 -8.04 12.64 21.17
C PRO D 121 -8.11 11.38 22.01
N LEU D 122 -7.01 10.61 22.01
CA LEU D 122 -6.88 9.39 22.80
C LEU D 122 -6.65 9.67 24.28
N VAL D 123 -5.98 10.80 24.56
CA VAL D 123 -5.67 11.22 25.96
C VAL D 123 -6.34 12.57 26.25
N GLN D 124 -6.89 12.73 27.47
CA GLN D 124 -7.89 13.74 27.82
C GLN D 124 -7.23 15.03 28.32
N GLY D 133 -19.26 18.10 26.03
CA GLY D 133 -19.42 17.72 24.61
C GLY D 133 -20.01 16.32 24.47
N LYS D 134 -19.72 15.69 23.34
CA LYS D 134 -20.28 14.40 22.97
C LYS D 134 -19.59 13.30 23.76
N THR D 135 -20.34 12.23 24.05
CA THR D 135 -19.76 11.04 24.64
C THR D 135 -18.93 10.34 23.61
N VAL D 136 -18.03 9.48 24.11
CA VAL D 136 -17.18 8.72 23.21
C VAL D 136 -18.09 7.79 22.39
N GLU D 137 -19.16 7.23 22.98
CA GLU D 137 -20.06 6.39 22.19
C GLU D 137 -20.73 7.19 21.05
N THR D 138 -21.12 8.46 21.26
CA THR D 138 -21.70 9.14 20.11
C THR D 138 -20.63 9.50 19.09
N GLN D 139 -19.43 9.82 19.53
CA GLN D 139 -18.34 10.05 18.56
C GLN D 139 -18.06 8.85 17.67
N VAL D 140 -18.06 7.68 18.28
CA VAL D 140 -17.93 6.43 17.51
C VAL D 140 -19.10 6.31 16.49
N ALA D 141 -20.31 6.46 16.99
CA ALA D 141 -21.49 6.35 16.14
C ALA D 141 -21.45 7.31 14.96
N GLU D 142 -21.06 8.56 15.19
CA GLU D 142 -21.10 9.55 14.14
C GLU D 142 -19.96 9.39 13.13
N LEU D 143 -18.74 9.27 13.63
CA LEU D 143 -17.54 9.15 12.78
C LEU D 143 -17.51 7.78 12.02
N ILE D 144 -17.78 6.67 12.71
CA ILE D 144 -17.74 5.36 12.08
C ILE D 144 -19.03 5.15 11.25
N GLY D 145 -20.17 5.68 11.74
CA GLY D 145 -21.43 5.61 11.05
C GLY D 145 -21.39 6.28 9.70
N THR D 146 -21.09 7.58 9.69
CA THR D 146 -21.12 8.32 8.44
C THR D 146 -20.08 7.86 7.43
N ASN D 147 -18.86 7.60 7.90
CA ASN D 147 -17.77 7.33 7.00
C ASN D 147 -17.69 5.87 6.55
N ALA D 148 -18.34 4.97 7.29
CA ALA D 148 -18.18 3.52 7.02
C ALA D 148 -19.47 2.68 7.06
N ILE D 149 -20.21 2.72 8.17
CA ILE D 149 -21.38 1.84 8.32
CA ILE D 149 -21.37 1.84 8.32
C ILE D 149 -22.51 2.24 7.38
N ALA D 150 -22.81 3.55 7.31
CA ALA D 150 -23.82 4.02 6.39
C ALA D 150 -23.45 3.64 4.92
N PRO D 151 -22.22 3.95 4.46
CA PRO D 151 -21.82 3.41 3.14
C PRO D 151 -22.10 1.93 2.91
N PHE D 152 -21.76 1.10 3.90
CA PHE D 152 -22.00 -0.33 3.86
C PHE D 152 -23.49 -0.63 3.74
N LEU D 153 -24.32 -0.01 4.59
CA LEU D 153 -25.75 -0.35 4.56
C LEU D 153 -26.40 0.16 3.23
N LEU D 154 -25.99 1.35 2.81
CA LEU D 154 -26.41 1.90 1.49
C LEU D 154 -26.01 0.97 0.35
N THR D 155 -24.80 0.39 0.44
CA THR D 155 -24.33 -0.53 -0.57
C THR D 155 -25.19 -1.80 -0.61
N MET D 156 -25.48 -2.36 0.57
CA MET D 156 -26.42 -3.50 0.72
C MET D 156 -27.76 -3.17 0.07
N SER D 157 -28.34 -2.03 0.44
CA SER D 157 -29.66 -1.67 -0.07
C SER D 157 -29.67 -1.41 -1.57
N PHE D 158 -28.64 -0.73 -2.06
CA PHE D 158 -28.44 -0.49 -3.47
C PHE D 158 -28.40 -1.81 -4.26
N ALA D 159 -27.59 -2.75 -3.77
CA ALA D 159 -27.43 -4.03 -4.49
C ALA D 159 -28.74 -4.84 -4.47
N GLN D 160 -29.34 -4.90 -3.29
CA GLN D 160 -30.56 -5.68 -3.08
C GLN D 160 -31.70 -5.18 -3.98
N ARG D 161 -31.82 -3.85 -4.12
CA ARG D 161 -32.93 -3.28 -4.90
C ARG D 161 -32.77 -3.46 -6.40
N GLN D 162 -31.60 -3.88 -6.88
CA GLN D 162 -31.43 -3.98 -8.32
C GLN D 162 -32.32 -5.08 -8.92
N LYS D 163 -33.47 -4.66 -9.48
CA LYS D 163 -34.41 -5.56 -10.14
C LYS D 163 -33.82 -5.93 -11.49
N GLY D 164 -34.05 -7.18 -11.91
CA GLY D 164 -33.45 -7.71 -13.15
C GLY D 164 -33.58 -9.22 -13.32
N SER D 171 -25.53 -1.29 -22.05
CA SER D 171 -26.62 -0.41 -21.68
C SER D 171 -26.53 -0.04 -20.18
N SER D 172 -26.77 -1.01 -19.29
CA SER D 172 -26.78 -0.77 -17.84
C SER D 172 -25.37 -0.53 -17.32
N ASN D 173 -25.24 0.48 -16.48
CA ASN D 173 -23.95 0.90 -15.97
C ASN D 173 -24.08 1.29 -14.51
N LEU D 174 -24.15 0.26 -13.67
CA LEU D 174 -24.33 0.46 -12.23
C LEU D 174 -22.99 0.64 -11.53
N SER D 175 -22.92 1.64 -10.67
CA SER D 175 -21.69 1.81 -9.88
C SER D 175 -21.88 2.59 -8.62
N ILE D 176 -20.93 2.40 -7.73
CA ILE D 176 -20.83 3.06 -6.45
C ILE D 176 -19.48 3.80 -6.41
N VAL D 177 -19.51 5.02 -5.92
CA VAL D 177 -18.26 5.79 -5.68
C VAL D 177 -18.27 6.25 -4.21
N ASN D 178 -17.20 5.89 -3.51
CA ASN D 178 -16.97 6.25 -2.14
C ASN D 178 -15.93 7.34 -2.05
N LEU D 179 -16.27 8.38 -1.31
CA LEU D 179 -15.32 9.49 -1.07
C LEU D 179 -14.44 9.14 0.08
N CYS D 180 -13.21 8.83 -0.27
CA CYS D 180 -12.18 8.38 0.59
C CYS D 180 -11.31 9.57 1.05
N ASP D 181 -10.02 9.33 1.31
CA ASP D 181 -9.13 10.32 1.88
C ASP D 181 -7.71 9.97 1.48
N ALA D 182 -7.05 10.84 0.73
CA ALA D 182 -5.72 10.50 0.24
C ALA D 182 -4.68 10.43 1.40
N MET D 183 -5.01 11.02 2.54
CA MET D 183 -4.13 11.10 3.71
C MET D 183 -4.40 10.00 4.74
N VAL D 184 -5.08 8.92 4.35
CA VAL D 184 -5.42 7.84 5.34
C VAL D 184 -4.20 7.20 5.99
N ASP D 185 -3.07 7.18 5.29
CA ASP D 185 -1.84 6.64 5.91
C ASP D 185 -0.87 7.68 6.49
N GLN D 186 -1.27 8.94 6.43
CA GLN D 186 -0.57 10.05 6.99
C GLN D 186 -1.57 10.97 7.70
N PRO D 187 -2.21 10.43 8.75
CA PRO D 187 -3.38 11.10 9.25
C PRO D 187 -3.10 12.32 10.09
N CSX D 188 -4.13 13.14 10.23
CA CSX D 188 -4.08 14.27 11.14
CB CSX D 188 -5.16 15.28 10.91
SG CSX D 188 -4.63 16.45 9.59
C CSX D 188 -4.07 13.78 12.58
O CSX D 188 -4.69 12.79 12.96
OD CSX D 188 -4.58 15.44 8.06
N MET D 189 -3.29 14.49 13.36
CA MET D 189 -3.11 14.20 14.76
C MET D 189 -4.46 14.26 15.47
N ALA D 190 -4.73 13.24 16.31
CA ALA D 190 -5.91 13.16 17.19
C ALA D 190 -7.25 12.92 16.43
N PHE D 191 -7.15 12.41 15.21
CA PHE D 191 -8.32 12.05 14.37
C PHE D 191 -8.49 10.53 14.23
N SER D 192 -8.22 9.76 15.29
CA SER D 192 -8.24 8.29 15.21
CA SER D 192 -8.20 8.31 15.13
C SER D 192 -9.54 7.72 14.65
N LEU D 193 -10.68 8.15 15.25
CA LEU D 193 -11.96 7.57 14.87
C LEU D 193 -12.31 7.91 13.41
N TYR D 194 -12.08 9.16 13.04
CA TYR D 194 -12.27 9.57 11.65
C TYR D 194 -11.43 8.65 10.71
N ASN D 195 -10.13 8.49 11.05
CA ASN D 195 -9.18 7.76 10.21
C ASN D 195 -9.60 6.26 10.16
N MET D 196 -10.03 5.74 11.30
CA MET D 196 -10.62 4.38 11.30
C MET D 196 -11.80 4.27 10.31
N GLY D 197 -12.73 5.20 10.35
CA GLY D 197 -13.87 5.15 9.42
C GLY D 197 -13.45 5.19 7.97
N LYS D 198 -12.47 6.01 7.64
CA LYS D 198 -12.03 6.13 6.25
C LYS D 198 -11.25 4.87 5.80
N HIS D 199 -10.47 4.32 6.70
CA HIS D 199 -9.79 3.02 6.45
C HIS D 199 -10.84 1.90 6.24
N ALA D 200 -11.87 1.86 7.10
CA ALA D 200 -12.97 0.91 6.92
C ALA D 200 -13.63 1.12 5.52
N LEU D 201 -13.73 2.38 5.09
CA LEU D 201 -14.34 2.65 3.79
C LEU D 201 -13.52 2.10 2.61
N VAL D 202 -12.20 2.12 2.73
CA VAL D 202 -11.31 1.50 1.75
C VAL D 202 -11.62 -0.01 1.68
N GLY D 203 -11.67 -0.65 2.86
CA GLY D 203 -12.07 -2.05 2.95
C GLY D 203 -13.39 -2.37 2.30
N LEU D 204 -14.40 -1.56 2.61
CA LEU D 204 -15.70 -1.71 1.93
C LEU D 204 -15.57 -1.61 0.41
N THR D 205 -14.84 -0.59 -0.06
CA THR D 205 -14.70 -0.37 -1.52
C THR D 205 -14.17 -1.65 -2.18
N GLN D 206 -13.15 -2.24 -1.55
CA GLN D 206 -12.46 -3.43 -2.06
C GLN D 206 -13.36 -4.67 -1.95
N SER D 207 -13.94 -4.88 -0.76
CA SER D 207 -14.80 -6.02 -0.52
C SER D 207 -16.06 -5.98 -1.39
N ALA D 208 -16.73 -4.83 -1.42
CA ALA D 208 -17.91 -4.68 -2.26
C ALA D 208 -17.58 -4.79 -3.77
N ALA D 209 -16.42 -4.31 -4.21
CA ALA D 209 -16.02 -4.47 -5.64
C ALA D 209 -15.99 -5.98 -6.00
N LEU D 210 -15.36 -6.76 -5.14
CA LEU D 210 -15.21 -8.18 -5.35
CA LEU D 210 -15.22 -8.19 -5.35
C LEU D 210 -16.59 -8.89 -5.37
N GLU D 211 -17.39 -8.60 -4.36
CA GLU D 211 -18.67 -9.29 -4.15
C GLU D 211 -19.76 -8.93 -5.16
N LEU D 212 -19.74 -7.67 -5.61
CA LEU D 212 -20.77 -7.18 -6.49
C LEU D 212 -20.40 -7.25 -7.99
N ALA D 213 -19.15 -7.56 -8.31
CA ALA D 213 -18.69 -7.71 -9.71
C ALA D 213 -19.59 -8.64 -10.53
N PRO D 214 -19.97 -9.80 -9.96
CA PRO D 214 -20.88 -10.73 -10.68
C PRO D 214 -22.27 -10.15 -11.04
N TYR D 215 -22.70 -9.10 -10.35
CA TYR D 215 -23.94 -8.42 -10.63
C TYR D 215 -23.72 -7.17 -11.55
N GLY D 216 -22.50 -6.95 -12.02
CA GLY D 216 -22.20 -5.78 -12.86
C GLY D 216 -22.22 -4.44 -12.14
N ILE D 217 -22.08 -4.49 -10.81
CA ILE D 217 -21.96 -3.29 -10.05
C ILE D 217 -20.49 -3.02 -9.73
N ARG D 218 -19.98 -1.93 -10.28
CA ARG D 218 -18.60 -1.47 -10.01
C ARG D 218 -18.55 -0.64 -8.72
N VAL D 219 -17.46 -0.74 -7.97
CA VAL D 219 -17.32 -0.03 -6.70
C VAL D 219 -15.92 0.54 -6.61
N ASN D 220 -15.84 1.86 -6.60
CA ASN D 220 -14.57 2.61 -6.61
C ASN D 220 -14.58 3.72 -5.61
N GLY D 221 -13.45 4.39 -5.50
CA GLY D 221 -13.32 5.55 -4.66
C GLY D 221 -12.59 6.71 -5.33
N VAL D 222 -12.85 7.90 -4.74
CA VAL D 222 -12.14 9.12 -5.05
C VAL D 222 -11.61 9.61 -3.69
N ALA D 223 -10.31 9.86 -3.65
CA ALA D 223 -9.58 10.20 -2.45
C ALA D 223 -9.00 11.63 -2.56
N PRO D 224 -9.76 12.66 -2.12
CA PRO D 224 -9.17 14.02 -2.07
C PRO D 224 -8.03 14.10 -1.06
N GLY D 225 -7.09 15.03 -1.32
CA GLY D 225 -6.11 15.45 -0.32
C GLY D 225 -6.69 16.64 0.43
N VAL D 226 -6.30 17.83 0.03
CA VAL D 226 -6.98 19.04 0.53
CA VAL D 226 -6.93 19.04 0.51
C VAL D 226 -7.83 19.59 -0.61
N SER D 227 -9.14 19.62 -0.35
CA SER D 227 -10.09 20.26 -1.23
C SER D 227 -10.67 21.39 -0.37
N LEU D 228 -11.98 21.58 -0.42
CA LEU D 228 -12.60 22.71 0.28
C LEU D 228 -12.27 22.69 1.76
N LEU D 229 -11.70 23.79 2.25
CA LEU D 229 -11.23 23.85 3.63
C LEU D 229 -12.44 24.08 4.56
N PRO D 230 -12.34 23.64 5.81
CA PRO D 230 -13.49 23.83 6.69
C PRO D 230 -13.93 25.30 6.81
N VAL D 231 -15.25 25.54 6.84
CA VAL D 231 -15.73 26.90 7.01
C VAL D 231 -15.23 27.45 8.35
N ALA D 232 -15.14 26.61 9.39
CA ALA D 232 -14.64 27.06 10.72
C ALA D 232 -13.14 27.39 10.75
N MET D 233 -12.37 26.87 9.80
CA MET D 233 -10.92 27.12 9.79
C MET D 233 -10.53 28.57 9.47
N GLY D 234 -9.56 29.09 10.24
CA GLY D 234 -9.09 30.45 10.06
C GLY D 234 -8.21 30.63 8.82
N GLU D 235 -8.11 31.87 8.36
CA GLU D 235 -7.45 32.10 7.07
C GLU D 235 -5.98 31.70 7.04
N GLU D 236 -5.22 32.04 8.09
CA GLU D 236 -3.79 31.67 8.16
CA GLU D 236 -3.80 31.68 8.14
C GLU D 236 -3.60 30.16 8.01
N GLU D 237 -4.47 29.40 8.67
CA GLU D 237 -4.37 27.95 8.69
C GLU D 237 -4.72 27.40 7.29
N LYS D 238 -5.71 28.00 6.65
CA LYS D 238 -6.10 27.57 5.28
C LYS D 238 -4.86 27.73 4.40
N ASP D 239 -4.18 28.85 4.53
CA ASP D 239 -3.03 29.13 3.68
C ASP D 239 -1.85 28.19 3.97
N LYS D 240 -1.70 27.80 5.23
CA LYS D 240 -0.68 26.82 5.58
CA LYS D 240 -0.72 26.80 5.63
C LYS D 240 -0.91 25.49 4.84
N TRP D 241 -2.17 25.04 4.79
CA TRP D 241 -2.54 23.80 4.02
C TRP D 241 -2.30 23.97 2.52
N ARG D 242 -2.75 25.08 1.96
CA ARG D 242 -2.54 25.33 0.55
C ARG D 242 -1.06 25.22 0.16
N ARG D 243 -0.17 25.76 1.01
CA ARG D 243 1.26 25.86 0.76
CA ARG D 243 1.23 25.85 0.63
C ARG D 243 1.94 24.49 0.61
N LYS D 244 1.30 23.45 1.16
CA LYS D 244 1.86 22.10 1.18
C LYS D 244 1.63 21.34 -0.13
N VAL D 245 0.73 21.84 -0.97
CA VAL D 245 0.35 21.12 -2.17
C VAL D 245 1.33 21.35 -3.35
N PRO D 246 2.07 20.29 -3.79
CA PRO D 246 3.04 20.47 -4.87
C PRO D 246 2.44 21.07 -6.14
N LEU D 247 1.26 20.57 -6.54
CA LEU D 247 0.64 20.98 -7.81
C LEU D 247 -0.21 22.23 -7.61
N GLY D 248 0.44 23.37 -7.72
CA GLY D 248 -0.29 24.64 -7.71
C GLY D 248 -0.39 25.34 -6.36
N ARG D 249 0.07 24.72 -5.28
CA ARG D 249 -0.02 25.32 -3.94
C ARG D 249 -1.43 25.87 -3.65
N ARG D 250 -2.43 25.06 -3.99
CA ARG D 250 -3.83 25.35 -3.77
C ARG D 250 -4.60 24.07 -3.57
N GLU D 251 -5.75 24.19 -2.90
CA GLU D 251 -6.65 23.10 -2.65
C GLU D 251 -7.38 22.75 -3.97
N ALA D 252 -7.86 21.53 -4.01
CA ALA D 252 -8.69 21.11 -5.13
C ALA D 252 -10.02 21.86 -5.06
N SER D 253 -10.57 22.25 -6.20
CA SER D 253 -11.96 22.71 -6.16
C SER D 253 -12.92 21.55 -5.96
N ALA D 254 -14.14 21.84 -5.51
CA ALA D 254 -15.12 20.75 -5.48
C ALA D 254 -15.37 20.15 -6.88
N GLU D 255 -15.31 20.99 -7.92
CA GLU D 255 -15.54 20.52 -9.28
C GLU D 255 -14.45 19.55 -9.75
N GLN D 256 -13.21 19.80 -9.31
CA GLN D 256 -12.13 18.85 -9.64
C GLN D 256 -12.37 17.49 -9.02
N ILE D 257 -12.84 17.47 -7.77
CA ILE D 257 -13.16 16.17 -7.13
C ILE D 257 -14.32 15.49 -7.88
N ALA D 258 -15.38 16.27 -8.19
CA ALA D 258 -16.55 15.77 -8.97
C ALA D 258 -16.15 15.20 -10.33
N ASP D 259 -15.19 15.85 -11.01
CA ASP D 259 -14.67 15.26 -12.29
C ASP D 259 -14.20 13.79 -12.16
N ALA D 260 -13.50 13.45 -11.06
CA ALA D 260 -13.06 12.04 -10.87
C ALA D 260 -14.25 11.09 -10.64
N VAL D 261 -15.28 11.59 -9.95
CA VAL D 261 -16.51 10.83 -9.74
C VAL D 261 -17.21 10.55 -11.09
N ILE D 262 -17.36 11.60 -11.90
CA ILE D 262 -17.94 11.54 -13.22
C ILE D 262 -17.20 10.51 -14.07
N PHE D 263 -15.87 10.54 -14.04
CA PHE D 263 -15.13 9.53 -14.79
C PHE D 263 -15.50 8.11 -14.35
N LEU D 264 -15.45 7.87 -13.05
CA LEU D 264 -15.66 6.54 -12.52
C LEU D 264 -17.05 5.98 -12.78
N VAL D 265 -18.05 6.85 -12.86
CA VAL D 265 -19.40 6.36 -13.19
C VAL D 265 -19.65 6.17 -14.70
N SER D 266 -18.76 6.74 -15.53
CA SER D 266 -18.93 6.82 -16.97
C SER D 266 -18.61 5.51 -17.65
N GLY D 267 -18.96 5.45 -18.93
CA GLY D 267 -18.61 4.30 -19.75
C GLY D 267 -17.11 4.21 -20.00
N SER D 268 -16.33 5.26 -19.70
CA SER D 268 -14.87 5.18 -19.90
C SER D 268 -14.16 4.49 -18.75
N ALA D 269 -14.91 4.06 -17.75
CA ALA D 269 -14.36 3.38 -16.59
C ALA D 269 -15.00 1.95 -16.44
N GLN D 270 -15.53 1.38 -17.53
CA GLN D 270 -16.28 0.09 -17.54
CA GLN D 270 -16.31 0.12 -17.42
C GLN D 270 -15.54 -1.11 -16.95
N TYR D 271 -14.20 -1.08 -17.00
CA TYR D 271 -13.43 -2.22 -16.53
C TYR D 271 -12.78 -1.95 -15.17
N ILE D 272 -13.10 -0.76 -14.63
CA ILE D 272 -12.49 -0.29 -13.39
C ILE D 272 -13.39 -0.61 -12.21
N THR D 273 -12.87 -1.44 -11.31
CA THR D 273 -13.62 -1.70 -10.08
C THR D 273 -12.61 -1.99 -8.98
N GLY D 274 -12.93 -1.54 -7.78
CA GLY D 274 -12.01 -1.65 -6.65
C GLY D 274 -10.83 -0.70 -6.65
N SER D 275 -10.91 0.35 -7.50
CA SER D 275 -9.84 1.34 -7.63
C SER D 275 -10.23 2.58 -6.83
N ILE D 276 -9.24 3.14 -6.14
CA ILE D 276 -9.37 4.44 -5.48
C ILE D 276 -8.41 5.47 -6.11
N ILE D 277 -9.00 6.48 -6.73
CA ILE D 277 -8.22 7.47 -7.47
C ILE D 277 -7.93 8.64 -6.54
N LYS D 278 -6.66 8.89 -6.25
CA LYS D 278 -6.25 10.11 -5.50
C LYS D 278 -6.40 11.32 -6.40
N VAL D 279 -6.99 12.35 -5.85
CA VAL D 279 -7.09 13.66 -6.44
C VAL D 279 -6.52 14.67 -5.43
N ASP D 280 -5.20 14.74 -5.35
CA ASP D 280 -4.52 15.36 -4.19
C ASP D 280 -3.40 16.30 -4.55
N GLY D 281 -3.17 16.56 -5.83
CA GLY D 281 -2.09 17.49 -6.26
C GLY D 281 -0.69 17.10 -5.83
N GLY D 282 -0.52 15.80 -5.53
CA GLY D 282 0.71 15.27 -5.02
C GLY D 282 0.90 15.36 -3.50
N LEU D 283 -0.10 15.84 -2.76
CA LEU D 283 0.07 16.10 -1.31
C LEU D 283 0.57 14.87 -0.53
N SER D 284 0.03 13.70 -0.84
CA SER D 284 0.34 12.45 -0.13
C SER D 284 1.80 11.99 -0.38
N LEU D 285 2.45 12.56 -1.41
CA LEU D 285 3.85 12.18 -1.77
C LEU D 285 4.86 12.96 -0.96
N VAL D 286 4.38 13.97 -0.23
CA VAL D 286 5.26 14.95 0.44
C VAL D 286 5.62 14.47 1.86
N HIS D 287 6.91 14.26 2.11
CA HIS D 287 7.36 13.82 3.45
C HIS D 287 7.21 14.94 4.47
N ALA D 288 7.36 14.59 5.76
CA ALA D 288 7.29 15.56 6.88
C ALA D 288 8.35 16.64 6.76
PA NAP E . 25.79 4.29 3.45
O1A NAP E . 26.70 4.61 4.58
O2A NAP E . 25.28 5.40 2.59
O5B NAP E . 26.42 3.23 2.45
C5B NAP E . 26.81 1.96 2.94
C4B NAP E . 27.94 1.40 2.10
O4B NAP E . 27.49 1.15 0.76
C3B NAP E . 29.17 2.27 2.00
O3B NAP E . 29.98 2.20 3.17
C2B NAP E . 29.80 1.66 0.74
O2B NAP E . 30.94 0.91 1.02
C1B NAP E . 28.66 0.83 0.05
N9A NAP E . 28.58 1.24 -1.36
C8A NAP E . 28.27 2.42 -1.94
N7A NAP E . 28.47 2.36 -3.28
C5A NAP E . 28.96 1.10 -3.53
C6A NAP E . 29.37 0.45 -4.71
N6A NAP E . 29.34 1.09 -5.90
N1A NAP E . 29.75 -0.82 -4.59
C2A NAP E . 29.82 -1.54 -3.41
N3A NAP E . 29.44 -0.90 -2.24
C4A NAP E . 29.01 0.38 -2.34
O3 NAP E . 24.64 3.35 4.09
PN NAP E . 23.90 3.55 5.53
O1N NAP E . 23.52 4.96 5.71
O2N NAP E . 24.72 2.85 6.54
O5D NAP E . 22.51 2.76 5.21
C5D NAP E . 22.52 1.34 5.13
C4D NAP E . 21.31 0.90 4.29
O4D NAP E . 20.13 1.38 4.91
C3D NAP E . 21.31 1.37 2.85
O3D NAP E . 20.81 0.34 2.00
C2D NAP E . 20.40 2.58 2.90
O2D NAP E . 19.79 2.94 1.68
C1D NAP E . 19.40 2.11 3.97
N1N NAP E . 18.83 3.30 4.63
C2N NAP E . 19.60 4.10 5.49
C3N NAP E . 19.02 5.22 6.04
C7N NAP E . 19.86 6.07 6.96
O7N NAP E . 19.13 6.94 7.73
N7N NAP E . 21.19 5.94 7.00
C4N NAP E . 17.71 5.59 5.75
C5N NAP E . 17.00 4.75 4.90
C6N NAP E . 17.56 3.64 4.34
P2B NAP E . 32.46 1.54 1.19
O1X NAP E . 32.81 2.28 -0.11
O2X NAP E . 32.36 2.62 2.27
O3X NAP E . 33.26 0.35 1.49
C4 AX5 F . 21.58 7.40 3.56
C5 AX5 F . 20.22 7.37 3.39
C6 AX5 F . 19.71 6.41 2.50
N1 AX5 F . 20.56 5.59 1.81
N3 AX5 F . 22.44 6.59 2.86
CAF AX5 F . 20.32 11.02 4.24
CAD AX5 F . 19.66 12.20 3.88
CAC AX5 F . 18.59 12.68 4.66
CAE AX5 F . 18.20 11.96 5.78
CAG AX5 F . 18.87 10.79 6.15
CAN AX5 F . 19.90 10.30 5.36
CAI AX5 F . 20.64 9.01 5.76
SAL AX5 F . 22.12 8.63 4.78
C2 AX5 F . 21.91 5.64 1.98
NAB AX5 F . 22.69 4.79 1.27
NAA AX5 F . 18.39 6.42 2.30
S1 DTT G . 13.81 11.80 2.23
C1 DTT G . 13.58 10.63 3.60
C2 DTT G . 14.82 10.32 4.46
O2 DTT G . 15.42 11.55 4.74
C3 DTT G . 15.92 9.43 3.84
O3 DTT G . 16.75 8.93 4.86
C4 DTT G . 15.43 8.21 3.09
S4 DTT G . 15.38 8.43 1.31
C ACT H . -12.31 -32.77 10.10
O ACT H . -11.66 -33.27 11.04
OXT ACT H . -11.99 -33.02 8.91
CH3 ACT H . -13.50 -31.89 10.38
PA NAP I . -10.62 -16.54 17.13
O1A NAP I . -11.57 -16.49 15.95
O2A NAP I . -10.32 -17.85 17.69
O5B NAP I . -11.18 -15.58 18.25
C5B NAP I . -10.41 -15.24 19.38
C4B NAP I . -11.30 -14.91 20.58
O4B NAP I . -11.98 -13.74 20.29
C3B NAP I . -12.40 -15.92 20.91
O3B NAP I . -11.88 -17.09 21.58
C2B NAP I . -13.36 -15.02 21.69
O2B NAP I . -13.20 -15.20 23.09
C1B NAP I . -12.93 -13.57 21.30
N9A NAP I . -14.14 -12.90 20.89
C8A NAP I . -14.96 -13.18 19.84
N7A NAP I . -16.05 -12.40 19.93
C5A NAP I . -15.94 -11.63 21.05
C6A NAP I . -16.74 -10.67 21.69
N6A NAP I . -17.93 -10.29 21.28
N1A NAP I . -16.24 -10.13 22.83
C2A NAP I . -15.06 -10.47 23.42
N3A NAP I . -14.26 -11.39 22.80
C4A NAP I . -14.73 -11.97 21.66
O3 NAP I . -9.19 -15.88 16.79
PN NAP I . -7.82 -16.53 16.29
O1N NAP I . -8.12 -17.40 15.15
O2N NAP I . -7.10 -17.12 17.45
O5D NAP I . -7.08 -15.22 15.75
C5D NAP I . -6.39 -14.34 16.60
C4D NAP I . -6.35 -12.94 15.96
O4D NAP I . -5.60 -13.13 14.75
C3D NAP I . -7.71 -12.35 15.54
O3D NAP I . -7.60 -10.93 15.72
C2D NAP I . -7.81 -12.75 14.07
O2D NAP I . -8.56 -11.86 13.28
C1D NAP I . -6.33 -12.70 13.64
N1N NAP I . -6.08 -13.54 12.45
C2N NAP I . -6.17 -14.89 12.64
C3N NAP I . -6.03 -15.69 11.52
C7N NAP I . -6.11 -17.18 11.72
O7N NAP I . -5.76 -17.85 10.64
N7N NAP I . -6.48 -17.80 12.84
C4N NAP I . -5.82 -15.13 10.22
C5N NAP I . -5.74 -13.74 10.09
C6N NAP I . -5.88 -12.95 11.22
P2B NAP I . -14.02 -16.36 23.93
O1X NAP I . -13.65 -17.72 23.31
O2X NAP I . -13.57 -16.25 25.35
O3X NAP I . -15.50 -16.07 23.76
C4 AX5 J . -10.39 -16.62 12.34
C5 AX5 J . -9.81 -16.10 11.19
C6 AX5 J . -9.68 -14.67 11.23
N1 AX5 J . -10.10 -13.94 12.29
N3 AX5 J . -10.78 -15.87 13.36
CAF AX5 J . -8.70 -19.04 8.86
CAD AX5 J . -8.92 -19.18 7.49
CAC AX5 J . -10.21 -19.37 7.01
CAE AX5 J . -11.24 -19.44 7.92
CAG AX5 J . -11.03 -19.30 9.30
CAN AX5 J . -9.73 -19.08 9.78
CAI AX5 J . -9.43 -18.93 11.28
SAL AX5 J . -10.65 -18.38 12.44
C2 AX5 J . -10.66 -14.53 13.35
NAB AX5 J . -11.09 -13.86 14.40
NAA AX5 J . -9.15 -14.02 10.21
C1 GOL K . -7.79 -14.86 5.31
O1 GOL K . -7.37 -16.15 4.87
C2 GOL K . -8.63 -14.86 6.60
O2 GOL K . -8.03 -15.39 7.77
C3 GOL K . -9.19 -13.47 6.91
O3 GOL K . -9.16 -12.58 5.84
C ACT L . 6.07 9.72 -41.17
O ACT L . 6.78 9.76 -40.10
OXT ACT L . 6.08 10.80 -41.88
CH3 ACT L . 5.28 8.46 -41.54
PA NAP M . 3.66 -5.48 -25.42
O1A NAP M . 4.28 -6.57 -24.71
O2A NAP M . 2.82 -5.78 -26.64
O5B NAP M . 4.84 -4.54 -25.87
C5B NAP M . 4.51 -3.31 -26.45
C4B NAP M . 5.69 -2.80 -27.28
O4B NAP M . 6.86 -2.58 -26.45
C3B NAP M . 6.16 -3.77 -28.38
O3B NAP M . 5.30 -3.82 -29.49
C2B NAP M . 7.57 -3.24 -28.64
O2B NAP M . 7.68 -2.45 -29.82
C1B NAP M . 7.90 -2.42 -27.36
N9A NAP M . 9.20 -2.87 -26.88
C8A NAP M . 9.59 -4.07 -26.35
N7A NAP M . 10.92 -4.04 -26.15
C5A NAP M . 11.39 -2.83 -26.58
C6A NAP M . 12.68 -2.32 -26.67
N6A NAP M . 13.74 -3.03 -26.27
N1A NAP M . 12.80 -1.06 -27.17
C2A NAP M . 11.70 -0.33 -27.59
N3A NAP M . 10.44 -0.86 -27.54
C4A NAP M . 10.30 -2.10 -27.04
O3 NAP M . 2.80 -4.56 -24.49
PN NAP M . 1.23 -4.57 -24.18
O1N NAP M . 0.83 -5.92 -23.85
O2N NAP M . 0.56 -3.82 -25.28
O5D NAP M . 1.22 -3.73 -22.80
C5D NAP M . 1.34 -2.32 -22.89
C4D NAP M . 1.83 -1.83 -21.54
O4D NAP M . 0.88 -2.21 -20.53
C3D NAP M . 3.20 -2.35 -21.08
O3D NAP M . 3.89 -1.33 -20.35
C2D NAP M . 2.79 -3.50 -20.19
O2D NAP M . 3.74 -3.89 -19.22
C1D NAP M . 1.51 -2.97 -19.55
N1N NAP M . 0.66 -4.07 -19.09
C2N NAP M . 0.04 -4.83 -20.04
C3N NAP M . -0.73 -5.91 -19.59
C7N NAP M . -1.43 -6.77 -20.62
O7N NAP M . -2.37 -7.65 -20.11
N7N NAP M . -1.13 -6.76 -21.93
C4N NAP M . -0.84 -6.20 -18.20
C5N NAP M . -0.16 -5.41 -17.28
C6N NAP M . 0.58 -4.36 -17.75
P2B NAP M . 7.93 -3.08 -31.31
O1X NAP M . 6.76 -4.08 -31.51
O2X NAP M . 7.84 -1.87 -32.25
O3X NAP M . 9.25 -3.80 -31.26
C4 AX5 N . 2.19 -8.35 -21.25
C5 AX5 N . 1.94 -8.25 -19.92
C6 AX5 N . 2.76 -7.37 -19.25
N1 AX5 N . 3.70 -6.66 -19.89
N3 AX5 N . 3.14 -7.62 -21.92
CAF AX5 N . -1.33 -11.56 -19.23
CAD AX5 N . -1.33 -12.69 -18.41
CAC AX5 N . -0.18 -13.44 -18.25
CAE AX5 N . 0.95 -13.06 -18.97
CAG AX5 N . 0.96 -11.94 -19.81
CAN AX5 N . -0.19 -11.17 -19.96
CAI AX5 N . -0.28 -9.93 -20.86
SAL AX5 N . 1.10 -9.57 -22.03
C2 AX5 N . 3.92 -6.73 -21.22
NAB AX5 N . 4.85 -5.94 -21.80
NAA AX5 N . 2.54 -7.25 -17.95
C1 GOL O . -0.58 -12.02 -11.78
O1 GOL O . 0.53 -11.97 -10.90
C2 GOL O . -0.14 -11.42 -13.09
O2 GOL O . 1.10 -12.03 -13.40
C3 GOL O . -1.17 -11.60 -14.20
O3 GOL O . -1.18 -10.55 -15.13
C1 GOL P . 1.68 -11.27 -15.94
O1 GOL P . 2.77 -11.64 -15.09
C2 GOL P . 1.19 -9.82 -15.66
O2 GOL P . 0.60 -9.19 -16.78
C3 GOL P . 2.34 -8.96 -15.25
O3 GOL P . 2.58 -9.11 -13.88
PA NAP Q . -18.26 18.01 4.71
O1A NAP Q . -17.44 18.00 5.95
O2A NAP Q . -18.66 19.35 4.20
O5B NAP Q . -19.54 17.13 5.00
C5B NAP Q . -20.46 16.78 3.97
C4B NAP Q . -21.84 16.58 4.53
O4B NAP Q . -21.80 15.41 5.34
C3B NAP Q . -22.40 17.69 5.42
O3B NAP Q . -22.82 18.81 4.63
C2B NAP Q . -23.47 16.93 6.17
O2B NAP Q . -24.77 17.20 5.63
C1B NAP Q . -23.05 15.43 5.97
N9A NAP Q . -23.07 14.80 7.30
C8A NAP Q . -22.26 15.04 8.38
N7A NAP Q . -22.70 14.27 9.41
C5A NAP Q . -23.79 13.62 8.98
C6A NAP Q . -24.66 12.74 9.61
N6A NAP Q . -24.46 12.46 10.91
N1A NAP Q . -25.66 12.18 8.87
C2A NAP Q . -25.88 12.51 7.55
N3A NAP Q . -25.04 13.37 6.90
C4A NAP Q . -24.03 13.93 7.64
O3 NAP Q . -17.56 17.21 3.51
PN NAP Q . -16.68 17.80 2.31
O1N NAP Q . -15.60 18.59 2.93
O2N NAP Q . -17.58 18.38 1.27
O5D NAP Q . -15.99 16.43 1.82
C5D NAP Q . -16.72 15.50 1.03
C4D NAP Q . -16.14 14.11 1.17
O4D NAP Q . -14.80 14.14 0.72
C3D NAP Q . -16.17 13.59 2.60
O3D NAP Q . -16.45 12.21 2.55
C2D NAP Q . -14.75 13.89 3.05
O2D NAP Q . -14.33 13.00 4.12
C1D NAP Q . -13.97 13.70 1.77
N1N NAP Q . -12.71 14.47 1.83
C2N NAP Q . -12.78 15.84 1.83
C3N NAP Q . -11.62 16.58 1.93
C7N NAP Q . -11.72 18.09 1.93
O7N NAP Q . -10.55 18.71 1.77
N7N NAP Q . -12.90 18.76 2.02
C4N NAP Q . -10.36 15.95 2.08
C5N NAP Q . -10.30 14.56 2.10
C6N NAP Q . -11.48 13.84 1.96
P2B NAP Q . -25.71 18.44 6.18
O1X NAP Q . -24.91 19.69 5.88
O2X NAP Q . -26.95 18.28 5.41
O3X NAP Q . -25.90 18.27 7.69
C4 AX5 R . -13.13 17.78 5.66
C5 AX5 R . -12.04 16.98 5.53
C6 AX5 R . -12.29 15.58 5.54
N1 AX5 R . -13.53 15.10 5.75
N3 AX5 R . -14.38 17.29 5.88
CAF AX5 R . -8.68 20.24 5.02
CAD AX5 R . -7.51 20.35 5.78
CAC AX5 R . -7.51 20.01 7.14
CAE AX5 R . -8.70 19.60 7.74
CAG AX5 R . -9.87 19.50 6.99
CAN AX5 R . -9.86 19.81 5.62
CAI AX5 R . -11.14 19.73 4.77
SAL AX5 R . -12.77 19.58 5.58
C2 AX5 R . -14.59 15.92 5.94
NAB AX5 R . -15.79 15.33 6.14
NAA AX5 R . -11.25 14.80 5.40
S1 DTT S . -7.12 15.61 8.97
C1 DTT S . -7.66 16.12 7.36
C2 DTT S . -7.11 15.06 6.41
O2 DTT S . -7.66 13.77 6.60
C3 DTT S . -7.34 15.60 5.03
O3 DTT S . -8.69 15.95 4.87
C4 DTT S . -6.37 16.76 4.78
S4 DTT S . -4.83 16.49 5.70
#